data_9J3S
# 
_entry.id   9J3S 
# 
_audit_conform.dict_name       mmcif_pdbx.dic 
_audit_conform.dict_version    5.404 
_audit_conform.dict_location   http://mmcif.pdb.org/dictionaries/ascii/mmcif_pdbx.dic 
# 
loop_
_database_2.database_id 
_database_2.database_code 
_database_2.pdbx_database_accession 
_database_2.pdbx_DOI 
PDB   9J3S         pdb_00009j3s 10.2210/pdb9j3s/pdb 
WWPDB D_1300050032 ?            ?                   
# 
_pdbx_audit_revision_history.ordinal             1 
_pdbx_audit_revision_history.data_content_type   'Structure model' 
_pdbx_audit_revision_history.major_revision      1 
_pdbx_audit_revision_history.minor_revision      0 
_pdbx_audit_revision_history.revision_date       2025-06-25 
_pdbx_audit_revision_history.part_number         ? 
# 
_pdbx_audit_revision_details.ordinal             1 
_pdbx_audit_revision_details.revision_ordinal    1 
_pdbx_audit_revision_details.data_content_type   'Structure model' 
_pdbx_audit_revision_details.provider            repository 
_pdbx_audit_revision_details.type                'Initial release' 
_pdbx_audit_revision_details.description         ? 
_pdbx_audit_revision_details.details             ? 
# 
_pdbx_database_status.status_code                     REL 
_pdbx_database_status.status_code_sf                  REL 
_pdbx_database_status.status_code_mr                  ? 
_pdbx_database_status.entry_id                        9J3S 
_pdbx_database_status.recvd_initial_deposition_date   2024-08-08 
_pdbx_database_status.SG_entry                        N 
_pdbx_database_status.deposit_site                    PDBJ 
_pdbx_database_status.process_site                    PDBJ 
_pdbx_database_status.status_code_cs                  ? 
_pdbx_database_status.status_code_nmr_data            ? 
_pdbx_database_status.methods_development_category    ? 
_pdbx_database_status.pdb_format_compatible           Y 
# 
_pdbx_contact_author.id                 2 
_pdbx_contact_author.email              sjlee@chungbuk.ac.kr 
_pdbx_contact_author.name_first         'Soo Jae' 
_pdbx_contact_author.name_last          Lee 
_pdbx_contact_author.name_mi            ? 
_pdbx_contact_author.role               'principal investigator/group leader' 
_pdbx_contact_author.identifier_ORCID   0000-0002-5524-9802 
# 
loop_
_audit_author.name 
_audit_author.pdbx_ordinal 
_audit_author.identifier_ORCID 
'Park, J.'  1 0000-0003-1791-8937 
'Hyun, S.'  2 0000-0002-3400-7353 
'Lee, S.J.' 3 0000-0002-5524-9802 
# 
_citation.abstract                  ? 
_citation.abstract_id_CAS           ? 
_citation.book_id_ISBN              ? 
_citation.book_publisher            ? 
_citation.book_publisher_city       ? 
_citation.book_title                ? 
_citation.coordinate_linkage        ? 
_citation.country                   US 
_citation.database_id_Medline       ? 
_citation.details                   ? 
_citation.id                        primary 
_citation.journal_abbrev            'Acs Omega' 
_citation.journal_id_ASTM           ? 
_citation.journal_id_CSD            ? 
_citation.journal_id_ISSN           2470-1343 
_citation.journal_full              ? 
_citation.journal_issue             ? 
_citation.journal_volume            9 
_citation.language                  ? 
_citation.page_first                32991 
_citation.page_last                 32999 
_citation.title                     
'De Novo Designed Cell-Penetrating Peptide Self-Assembly Featuring Distinctive Tertiary Structure' 
_citation.year                      2024 
_citation.database_id_CSD           ? 
_citation.pdbx_database_id_DOI      ? 
_citation.pdbx_database_id_PubMed   39100342 
_citation.pdbx_database_id_patent   ? 
_citation.unpublished_flag          ? 
# 
loop_
_citation_author.citation_id 
_citation_author.name 
_citation_author.ordinal 
_citation_author.identifier_ORCID 
primary 'Park, J.'  1 0000-0003-1791-8937 
primary 'Hyun, S.'  2 0000-0002-3400-7353 
primary 'Lee, S.J.' 3 0000-0002-5524-9802 
# 
loop_
_entity.id 
_entity.type 
_entity.src_method 
_entity.pdbx_description 
_entity.formula_weight 
_entity.pdbx_number_of_molecules 
_entity.pdbx_ec 
_entity.pdbx_mutation 
_entity.pdbx_fragment 
_entity.details 
1 polymer syn DLE-DLY-DLY-DLE-DCY-DLY-DLE-DLE-DLY-DLY-DLE-DCY-DLY-DLE-DAL-GLY 1800.414 6  ? ? ? ? 
2 water   nat water                                                           18.015   17 ? ? ? ? 
# 
_entity_poly.entity_id                      1 
_entity_poly.type                           'polypeptide(D)' 
_entity_poly.nstd_linkage                   no 
_entity_poly.nstd_monomer                   yes 
_entity_poly.pdbx_seq_one_letter_code       '(DLE)(DLY)(DLY)(DLE)(DCY)(DLY)(DLE)(DLE)(DLY)(DLY)(DLE)(DCY)(DLY)(DLE)(DAL)G' 
_entity_poly.pdbx_seq_one_letter_code_can   LKKLCKLLKKLCKLAG 
_entity_poly.pdbx_strand_id                 A,C,B,D,E,F 
_entity_poly.pdbx_target_identifier         ? 
# 
_pdbx_entity_nonpoly.entity_id   2 
_pdbx_entity_nonpoly.name        water 
_pdbx_entity_nonpoly.comp_id     HOH 
# 
loop_
_entity_poly_seq.entity_id 
_entity_poly_seq.num 
_entity_poly_seq.mon_id 
_entity_poly_seq.hetero 
1 1  DLE n 
1 2  DLY n 
1 3  DLY n 
1 4  DLE n 
1 5  DCY n 
1 6  DLY n 
1 7  DLE n 
1 8  DLE n 
1 9  DLY n 
1 10 DLY n 
1 11 DLE n 
1 12 DCY n 
1 13 DLY n 
1 14 DLE n 
1 15 DAL n 
1 16 GLY n 
# 
_pdbx_entity_src_syn.entity_id              1 
_pdbx_entity_src_syn.pdbx_src_id            1 
_pdbx_entity_src_syn.pdbx_alt_source_flag   sample 
_pdbx_entity_src_syn.pdbx_beg_seq_num       1 
_pdbx_entity_src_syn.pdbx_end_seq_num       16 
_pdbx_entity_src_syn.organism_scientific    'synthetic construct' 
_pdbx_entity_src_syn.organism_common_name   ? 
_pdbx_entity_src_syn.ncbi_taxonomy_id       32630 
_pdbx_entity_src_syn.details                ? 
# 
loop_
_chem_comp.id 
_chem_comp.type 
_chem_comp.mon_nstd_flag 
_chem_comp.name 
_chem_comp.pdbx_synonyms 
_chem_comp.formula 
_chem_comp.formula_weight 
DAL 'D-peptide linking' . D-ALANINE  ? 'C3 H7 N O2'   89.093  
DCY 'D-peptide linking' . D-CYSTEINE ? 'C3 H7 N O2 S' 121.158 
DLE 'D-peptide linking' . D-LEUCINE  ? 'C6 H13 N O2'  131.173 
DLY 'D-peptide linking' . D-LYSINE   ? 'C6 H14 N2 O2' 146.188 
GLY 'peptide linking'   y GLYCINE    ? 'C2 H5 N O2'   75.067  
HOH non-polymer         . WATER      ? 'H2 O'         18.015  
# 
loop_
_pdbx_poly_seq_scheme.asym_id 
_pdbx_poly_seq_scheme.entity_id 
_pdbx_poly_seq_scheme.seq_id 
_pdbx_poly_seq_scheme.mon_id 
_pdbx_poly_seq_scheme.ndb_seq_num 
_pdbx_poly_seq_scheme.pdb_seq_num 
_pdbx_poly_seq_scheme.auth_seq_num 
_pdbx_poly_seq_scheme.pdb_mon_id 
_pdbx_poly_seq_scheme.auth_mon_id 
_pdbx_poly_seq_scheme.pdb_strand_id 
_pdbx_poly_seq_scheme.pdb_ins_code 
_pdbx_poly_seq_scheme.hetero 
A 1 1  DLE 1  1  1  DLE DLE A . n 
A 1 2  DLY 2  2  2  DLY DLY A . n 
A 1 3  DLY 3  3  3  DLY DLY A . n 
A 1 4  DLE 4  4  4  DLE DLE A . n 
A 1 5  DCY 5  5  5  DCY DCY A . n 
A 1 6  DLY 6  6  6  DLY DLY A . n 
A 1 7  DLE 7  7  7  DLE DLE A . n 
A 1 8  DLE 8  8  8  DLE DLE A . n 
A 1 9  DLY 9  9  9  DLY DLY A . n 
A 1 10 DLY 10 10 10 DLY DLY A . n 
A 1 11 DLE 11 11 11 DLE DLE A . n 
A 1 12 DCY 12 12 12 DCY DCY A . n 
A 1 13 DLY 13 13 13 DLY DLY A . n 
A 1 14 DLE 14 14 14 DLE DLE A . n 
A 1 15 DAL 15 15 15 DAL DAL A . n 
A 1 16 GLY 16 16 16 GLY GLY A . n 
B 1 1  DLE 1  1  1  DLE DLE C . n 
B 1 2  DLY 2  2  2  DLY DLY C . n 
B 1 3  DLY 3  3  3  DLY DLY C . n 
B 1 4  DLE 4  4  4  DLE DLE C . n 
B 1 5  DCY 5  5  5  DCY DCY C . n 
B 1 6  DLY 6  6  6  DLY DLY C . n 
B 1 7  DLE 7  7  7  DLE DLE C . n 
B 1 8  DLE 8  8  8  DLE DLE C . n 
B 1 9  DLY 9  9  9  DLY DLY C . n 
B 1 10 DLY 10 10 10 DLY DLY C . n 
B 1 11 DLE 11 11 11 DLE DLE C . n 
B 1 12 DCY 12 12 12 DCY DCY C . n 
B 1 13 DLY 13 13 13 DLY DLY C . n 
B 1 14 DLE 14 14 14 DLE DLE C . n 
B 1 15 DAL 15 15 15 DAL DAL C . n 
B 1 16 GLY 16 16 16 GLY GLY C . n 
C 1 1  DLE 1  1  1  DLE DLE B . n 
C 1 2  DLY 2  2  2  DLY DLY B . n 
C 1 3  DLY 3  3  3  DLY DLY B . n 
C 1 4  DLE 4  4  4  DLE DLE B . n 
C 1 5  DCY 5  5  5  DCY DCY B . n 
C 1 6  DLY 6  6  6  DLY DLY B . n 
C 1 7  DLE 7  7  7  DLE DLE B . n 
C 1 8  DLE 8  8  8  DLE DLE B . n 
C 1 9  DLY 9  9  9  DLY DLY B . n 
C 1 10 DLY 10 10 10 DLY DLY B . n 
C 1 11 DLE 11 11 11 DLE DLE B . n 
C 1 12 DCY 12 12 12 DCY DCY B . n 
C 1 13 DLY 13 13 13 DLY DLY B . n 
C 1 14 DLE 14 14 14 DLE DLE B . n 
C 1 15 DAL 15 15 15 DAL DAL B . n 
C 1 16 GLY 16 16 ?  ?   ?   B . n 
D 1 1  DLE 1  1  1  DLE DLE D . n 
D 1 2  DLY 2  2  2  DLY DLY D . n 
D 1 3  DLY 3  3  3  DLY DLY D . n 
D 1 4  DLE 4  4  4  DLE DLE D . n 
D 1 5  DCY 5  5  5  DCY DCY D . n 
D 1 6  DLY 6  6  6  DLY DLY D . n 
D 1 7  DLE 7  7  7  DLE DLE D . n 
D 1 8  DLE 8  8  8  DLE DLE D . n 
D 1 9  DLY 9  9  9  DLY DLY D . n 
D 1 10 DLY 10 10 10 DLY DLY D . n 
D 1 11 DLE 11 11 11 DLE DLE D . n 
D 1 12 DCY 12 12 12 DCY DCY D . n 
D 1 13 DLY 13 13 13 DLY DLY D . n 
D 1 14 DLE 14 14 14 DLE DLE D . n 
D 1 15 DAL 15 15 15 DAL DAL D . n 
D 1 16 GLY 16 16 16 GLY GLY D . n 
E 1 1  DLE 1  1  1  DLE DLE E . n 
E 1 2  DLY 2  2  2  DLY DLY E . n 
E 1 3  DLY 3  3  3  DLY DLY E . n 
E 1 4  DLE 4  4  4  DLE DLE E . n 
E 1 5  DCY 5  5  5  DCY DCY E . n 
E 1 6  DLY 6  6  6  DLY DLY E . n 
E 1 7  DLE 7  7  7  DLE DLE E . n 
E 1 8  DLE 8  8  8  DLE DLE E . n 
E 1 9  DLY 9  9  9  DLY DLY E . n 
E 1 10 DLY 10 10 10 DLY DLY E . n 
E 1 11 DLE 11 11 11 DLE DLE E . n 
E 1 12 DCY 12 12 12 DCY DCY E . n 
E 1 13 DLY 13 13 13 DLY DLY E . n 
E 1 14 DLE 14 14 14 DLE DLE E . n 
E 1 15 DAL 15 15 15 DAL DAL E . n 
E 1 16 GLY 16 16 ?  ?   ?   E . n 
F 1 1  DLE 1  1  1  DLE DLE F . n 
F 1 2  DLY 2  2  2  DLY DLY F . n 
F 1 3  DLY 3  3  3  DLY DLY F . n 
F 1 4  DLE 4  4  4  DLE DLE F . n 
F 1 5  DCY 5  5  5  DCY DCY F . n 
F 1 6  DLY 6  6  6  DLY DLY F . n 
F 1 7  DLE 7  7  7  DLE DLE F . n 
F 1 8  DLE 8  8  8  DLE DLE F . n 
F 1 9  DLY 9  9  9  DLY DLY F . n 
F 1 10 DLY 10 10 10 DLY DLY F . n 
F 1 11 DLE 11 11 11 DLE DLE F . n 
F 1 12 DCY 12 12 12 DCY DCY F . n 
F 1 13 DLY 13 13 13 DLY DLY F . n 
F 1 14 DLE 14 14 14 DLE DLE F . n 
F 1 15 DAL 15 15 15 DAL DAL F . n 
F 1 16 GLY 16 16 ?  ?   ?   F . n 
# 
loop_
_pdbx_nonpoly_scheme.asym_id 
_pdbx_nonpoly_scheme.entity_id 
_pdbx_nonpoly_scheme.mon_id 
_pdbx_nonpoly_scheme.ndb_seq_num 
_pdbx_nonpoly_scheme.pdb_seq_num 
_pdbx_nonpoly_scheme.auth_seq_num 
_pdbx_nonpoly_scheme.pdb_mon_id 
_pdbx_nonpoly_scheme.auth_mon_id 
_pdbx_nonpoly_scheme.pdb_strand_id 
_pdbx_nonpoly_scheme.pdb_ins_code 
G 2 HOH 1 101 4  HOH HOH C . 
G 2 HOH 2 102 15 HOH HOH C . 
G 2 HOH 3 103 3  HOH HOH C . 
G 2 HOH 4 104 5  HOH HOH C . 
H 2 HOH 1 101 17 HOH HOH B . 
H 2 HOH 2 102 2  HOH HOH B . 
H 2 HOH 3 103 13 HOH HOH B . 
I 2 HOH 1 101 11 HOH HOH D . 
I 2 HOH 2 102 8  HOH HOH D . 
I 2 HOH 3 103 9  HOH HOH D . 
I 2 HOH 4 104 1  HOH HOH D . 
I 2 HOH 5 105 16 HOH HOH D . 
I 2 HOH 6 106 6  HOH HOH D . 
J 2 HOH 1 101 10 HOH HOH E . 
J 2 HOH 2 102 14 HOH HOH E . 
J 2 HOH 3 103 7  HOH HOH E . 
J 2 HOH 4 104 12 HOH HOH E . 
# 
loop_
_pdbx_unobs_or_zero_occ_atoms.id 
_pdbx_unobs_or_zero_occ_atoms.PDB_model_num 
_pdbx_unobs_or_zero_occ_atoms.polymer_flag 
_pdbx_unobs_or_zero_occ_atoms.occupancy_flag 
_pdbx_unobs_or_zero_occ_atoms.auth_asym_id 
_pdbx_unobs_or_zero_occ_atoms.auth_comp_id 
_pdbx_unobs_or_zero_occ_atoms.auth_seq_id 
_pdbx_unobs_or_zero_occ_atoms.PDB_ins_code 
_pdbx_unobs_or_zero_occ_atoms.auth_atom_id 
_pdbx_unobs_or_zero_occ_atoms.label_alt_id 
_pdbx_unobs_or_zero_occ_atoms.label_asym_id 
_pdbx_unobs_or_zero_occ_atoms.label_comp_id 
_pdbx_unobs_or_zero_occ_atoms.label_seq_id 
_pdbx_unobs_or_zero_occ_atoms.label_atom_id 
1 1 Y 1 F DLE 1 ? CG  ? F DLE 1 CG  
2 1 Y 1 F DLE 1 ? CD1 ? F DLE 1 CD1 
3 1 Y 1 F DLE 1 ? CD2 ? F DLE 1 CD2 
# 
loop_
_software.citation_id 
_software.classification 
_software.compiler_name 
_software.compiler_version 
_software.contact_author 
_software.contact_author_email 
_software.date 
_software.description 
_software.dependencies 
_software.hardware 
_software.language 
_software.location 
_software.mods 
_software.name 
_software.os 
_software.os_version 
_software.type 
_software.version 
_software.pdbx_ordinal 
? refinement       ? ? ? ? ? ? ? ? ? ? ? PHENIX  ? ? ? '(1.19.2_4158: ???)' 1 
? 'data reduction' ? ? ? ? ? ? ? ? ? ? ? XDS     ? ? ? .                    2 
? 'data scaling'   ? ? ? ? ? ? ? ? ? ? ? Aimless ? ? ? .                    3 
? phasing          ? ? ? ? ? ? ? ? ? ? ? PHENIX  ? ? ? .                    4 
# 
_cell.angle_alpha                  90.00 
_cell.angle_alpha_esd              ? 
_cell.angle_beta                   90.00 
_cell.angle_beta_esd               ? 
_cell.angle_gamma                  90.00 
_cell.angle_gamma_esd              ? 
_cell.entry_id                     9J3S 
_cell.details                      ? 
_cell.formula_units_Z              ? 
_cell.length_a                     64.846 
_cell.length_a_esd                 ? 
_cell.length_b                     64.846 
_cell.length_b_esd                 ? 
_cell.length_c                     106.077 
_cell.length_c_esd                 ? 
_cell.volume                       ? 
_cell.volume_esd                   ? 
_cell.Z_PDB                        96 
_cell.reciprocal_angle_alpha       ? 
_cell.reciprocal_angle_beta        ? 
_cell.reciprocal_angle_gamma       ? 
_cell.reciprocal_angle_alpha_esd   ? 
_cell.reciprocal_angle_beta_esd    ? 
_cell.reciprocal_angle_gamma_esd   ? 
_cell.reciprocal_length_a          ? 
_cell.reciprocal_length_b          ? 
_cell.reciprocal_length_c          ? 
_cell.reciprocal_length_a_esd      ? 
_cell.reciprocal_length_b_esd      ? 
_cell.reciprocal_length_c_esd      ? 
_cell.pdbx_unique_axis             ? 
_cell.pdbx_esd_method              ? 
# 
_symmetry.entry_id                         9J3S 
_symmetry.cell_setting                     ? 
_symmetry.Int_Tables_number                98 
_symmetry.space_group_name_Hall            ? 
_symmetry.space_group_name_H-M             'I 41 2 2' 
_symmetry.pdbx_full_space_group_name_H-M   ? 
# 
_exptl.absorpt_coefficient_mu     ? 
_exptl.absorpt_correction_T_max   ? 
_exptl.absorpt_correction_T_min   ? 
_exptl.absorpt_correction_type    ? 
_exptl.absorpt_process_details    ? 
_exptl.entry_id                   9J3S 
_exptl.crystals_number            1 
_exptl.details                    ? 
_exptl.method                     'X-RAY DIFFRACTION' 
_exptl.method_details             ? 
# 
_exptl_crystal.colour                       ? 
_exptl_crystal.density_diffrn               ? 
_exptl_crystal.density_Matthews             3.16 
_exptl_crystal.density_method               ? 
_exptl_crystal.density_percent_sol          61.10 
_exptl_crystal.description                  ? 
_exptl_crystal.F_000                        ? 
_exptl_crystal.id                           1 
_exptl_crystal.preparation                  ? 
_exptl_crystal.size_max                     ? 
_exptl_crystal.size_mid                     ? 
_exptl_crystal.size_min                     ? 
_exptl_crystal.size_rad                     ? 
_exptl_crystal.colour_lustre                ? 
_exptl_crystal.colour_modifier              ? 
_exptl_crystal.colour_primary               ? 
_exptl_crystal.density_meas                 ? 
_exptl_crystal.density_meas_esd             ? 
_exptl_crystal.density_meas_gt              ? 
_exptl_crystal.density_meas_lt              ? 
_exptl_crystal.density_meas_temp            ? 
_exptl_crystal.density_meas_temp_esd        ? 
_exptl_crystal.density_meas_temp_gt         ? 
_exptl_crystal.density_meas_temp_lt         ? 
_exptl_crystal.pdbx_crystal_image_url       ? 
_exptl_crystal.pdbx_crystal_image_format    ? 
_exptl_crystal.pdbx_mosaicity               ? 
_exptl_crystal.pdbx_mosaicity_esd           ? 
_exptl_crystal.pdbx_mosaic_method           ? 
_exptl_crystal.pdbx_mosaic_block_size       ? 
_exptl_crystal.pdbx_mosaic_block_size_esd   ? 
# 
_exptl_crystal_grow.apparatus       ? 
_exptl_crystal_grow.atmosphere      ? 
_exptl_crystal_grow.crystal_id      1 
_exptl_crystal_grow.details         ? 
_exptl_crystal_grow.method          'VAPOR DIFFUSION, SITTING DROP' 
_exptl_crystal_grow.method_ref      ? 
_exptl_crystal_grow.pH              ? 
_exptl_crystal_grow.pressure        ? 
_exptl_crystal_grow.pressure_esd    ? 
_exptl_crystal_grow.seeding         ? 
_exptl_crystal_grow.seeding_ref     ? 
_exptl_crystal_grow.temp_details    ? 
_exptl_crystal_grow.temp_esd        ? 
_exptl_crystal_grow.time            ? 
_exptl_crystal_grow.pdbx_details    '60% PEG 400' 
_exptl_crystal_grow.pdbx_pH_range   ? 
_exptl_crystal_grow.temp            293 
# 
_diffrn.ambient_environment              ? 
_diffrn.ambient_temp                     100 
_diffrn.ambient_temp_details             ? 
_diffrn.ambient_temp_esd                 ? 
_diffrn.crystal_id                       1 
_diffrn.crystal_support                  ? 
_diffrn.crystal_treatment                ? 
_diffrn.details                          ? 
_diffrn.id                               1 
_diffrn.ambient_pressure                 ? 
_diffrn.ambient_pressure_esd             ? 
_diffrn.ambient_pressure_gt              ? 
_diffrn.ambient_pressure_lt              ? 
_diffrn.ambient_temp_gt                  ? 
_diffrn.ambient_temp_lt                  ? 
_diffrn.pdbx_serial_crystal_experiment   N 
# 
_diffrn_detector.details                      ? 
_diffrn_detector.detector                     PIXEL 
_diffrn_detector.diffrn_id                    1 
_diffrn_detector.type                         'DECTRIS EIGER X 16M' 
_diffrn_detector.area_resol_mean              ? 
_diffrn_detector.dtime                        ? 
_diffrn_detector.pdbx_frames_total            ? 
_diffrn_detector.pdbx_collection_time_total   ? 
_diffrn_detector.pdbx_collection_date         2021-12-08 
_diffrn_detector.pdbx_frequency               ? 
_diffrn_detector.id                           ? 
_diffrn_detector.number_of_axes               ? 
# 
_diffrn_radiation.collimation                      ? 
_diffrn_radiation.diffrn_id                        1 
_diffrn_radiation.filter_edge                      ? 
_diffrn_radiation.inhomogeneity                    ? 
_diffrn_radiation.monochromator                    ? 
_diffrn_radiation.polarisn_norm                    ? 
_diffrn_radiation.polarisn_ratio                   ? 
_diffrn_radiation.probe                            ? 
_diffrn_radiation.type                             ? 
_diffrn_radiation.xray_symbol                      ? 
_diffrn_radiation.wavelength_id                    1 
_diffrn_radiation.pdbx_monochromatic_or_laue_m_l   M 
_diffrn_radiation.pdbx_wavelength_list             ? 
_diffrn_radiation.pdbx_wavelength                  ? 
_diffrn_radiation.pdbx_diffrn_protocol             'SINGLE WAVELENGTH' 
_diffrn_radiation.pdbx_analyzer                    ? 
_diffrn_radiation.pdbx_scattering_type             x-ray 
# 
_diffrn_radiation_wavelength.id           1 
_diffrn_radiation_wavelength.wavelength   1.26 
_diffrn_radiation_wavelength.wt           1.0 
# 
_diffrn_source.current                     ? 
_diffrn_source.details                     ? 
_diffrn_source.diffrn_id                   1 
_diffrn_source.power                       ? 
_diffrn_source.size                        ? 
_diffrn_source.source                      SYNCHROTRON 
_diffrn_source.target                      ? 
_diffrn_source.type                        'SPRING-8 BEAMLINE BL44XU' 
_diffrn_source.voltage                     ? 
_diffrn_source.take-off_angle              ? 
_diffrn_source.pdbx_wavelength_list        1.26 
_diffrn_source.pdbx_wavelength             ? 
_diffrn_source.pdbx_synchrotron_beamline   BL44XU 
_diffrn_source.pdbx_synchrotron_site       SPring-8 
# 
_reflns.B_iso_Wilson_estimate                          ? 
_reflns.entry_id                                       9J3S 
_reflns.data_reduction_details                         ? 
_reflns.data_reduction_method                          ? 
_reflns.d_resolution_high                              1.6 
_reflns.d_resolution_low                               45.90 
_reflns.details                                        ? 
_reflns.limit_h_max                                    ? 
_reflns.limit_h_min                                    ? 
_reflns.limit_k_max                                    ? 
_reflns.limit_k_min                                    ? 
_reflns.limit_l_max                                    ? 
_reflns.limit_l_min                                    ? 
_reflns.number_all                                     ? 
_reflns.number_obs                                     13375 
_reflns.observed_criterion                             ? 
_reflns.observed_criterion_F_max                       ? 
_reflns.observed_criterion_F_min                       ? 
_reflns.observed_criterion_I_max                       ? 
_reflns.observed_criterion_I_min                       ? 
_reflns.observed_criterion_sigma_F                     ? 
_reflns.observed_criterion_sigma_I                     ? 
_reflns.percent_possible_obs                           99.94 
_reflns.R_free_details                                 ? 
_reflns.Rmerge_F_all                                   ? 
_reflns.Rmerge_F_obs                                   ? 
_reflns.Friedel_coverage                               ? 
_reflns.number_gt                                      ? 
_reflns.threshold_expression                           ? 
_reflns.pdbx_redundancy                                13.6 
_reflns.pdbx_netI_over_av_sigmaI                       ? 
_reflns.pdbx_netI_over_sigmaI                          24.67 
_reflns.pdbx_res_netI_over_av_sigmaI_2                 ? 
_reflns.pdbx_res_netI_over_sigmaI_2                    ? 
_reflns.pdbx_chi_squared                               ? 
_reflns.pdbx_scaling_rejects                           ? 
_reflns.pdbx_d_res_high_opt                            ? 
_reflns.pdbx_d_res_low_opt                             ? 
_reflns.pdbx_d_res_opt_method                          ? 
_reflns.phase_calculation_details                      ? 
_reflns.pdbx_Rrim_I_all                                ? 
_reflns.pdbx_Rpim_I_all                                ? 
_reflns.pdbx_d_opt                                     ? 
_reflns.pdbx_number_measured_all                       ? 
_reflns.pdbx_diffrn_id                                 1 
_reflns.pdbx_ordinal                                   1 
_reflns.pdbx_CC_half                                   1 
_reflns.pdbx_CC_star                                   ? 
_reflns.pdbx_R_split                                   ? 
_reflns.pdbx_Rmerge_I_obs                              ? 
_reflns.pdbx_Rmerge_I_all                              ? 
_reflns.pdbx_Rsym_value                                ? 
_reflns.pdbx_CC_split_method                           ? 
_reflns.pdbx_aniso_diffraction_limit_axis_1_ortho[1]   ? 
_reflns.pdbx_aniso_diffraction_limit_axis_1_ortho[2]   ? 
_reflns.pdbx_aniso_diffraction_limit_axis_1_ortho[3]   ? 
_reflns.pdbx_aniso_diffraction_limit_axis_2_ortho[1]   ? 
_reflns.pdbx_aniso_diffraction_limit_axis_2_ortho[2]   ? 
_reflns.pdbx_aniso_diffraction_limit_axis_2_ortho[3]   ? 
_reflns.pdbx_aniso_diffraction_limit_axis_3_ortho[1]   ? 
_reflns.pdbx_aniso_diffraction_limit_axis_3_ortho[2]   ? 
_reflns.pdbx_aniso_diffraction_limit_axis_3_ortho[3]   ? 
_reflns.pdbx_aniso_diffraction_limit_1                 ? 
_reflns.pdbx_aniso_diffraction_limit_2                 ? 
_reflns.pdbx_aniso_diffraction_limit_3                 ? 
_reflns.pdbx_aniso_B_tensor_eigenvector_1_ortho[1]     ? 
_reflns.pdbx_aniso_B_tensor_eigenvector_1_ortho[2]     ? 
_reflns.pdbx_aniso_B_tensor_eigenvector_1_ortho[3]     ? 
_reflns.pdbx_aniso_B_tensor_eigenvector_2_ortho[1]     ? 
_reflns.pdbx_aniso_B_tensor_eigenvector_2_ortho[2]     ? 
_reflns.pdbx_aniso_B_tensor_eigenvector_2_ortho[3]     ? 
_reflns.pdbx_aniso_B_tensor_eigenvector_3_ortho[1]     ? 
_reflns.pdbx_aniso_B_tensor_eigenvector_3_ortho[2]     ? 
_reflns.pdbx_aniso_B_tensor_eigenvector_3_ortho[3]     ? 
_reflns.pdbx_aniso_B_tensor_eigenvalue_1               ? 
_reflns.pdbx_aniso_B_tensor_eigenvalue_2               ? 
_reflns.pdbx_aniso_B_tensor_eigenvalue_3               ? 
_reflns.pdbx_orthogonalization_convention              ? 
_reflns.pdbx_percent_possible_ellipsoidal              ? 
_reflns.pdbx_percent_possible_spherical                ? 
_reflns.pdbx_percent_possible_ellipsoidal_anomalous    ? 
_reflns.pdbx_percent_possible_spherical_anomalous      ? 
_reflns.pdbx_redundancy_anomalous                      ? 
_reflns.pdbx_CC_half_anomalous                         ? 
_reflns.pdbx_absDiff_over_sigma_anomalous              ? 
_reflns.pdbx_percent_possible_anomalous                ? 
_reflns.pdbx_observed_signal_threshold                 ? 
_reflns.pdbx_signal_type                               ? 
_reflns.pdbx_signal_details                            ? 
_reflns.pdbx_signal_software_id                        ? 
# 
_reflns_shell.d_res_high                                    1.92 
_reflns_shell.d_res_low                                     4.39 
_reflns_shell.meanI_over_sigI_all                           ? 
_reflns_shell.meanI_over_sigI_obs                           ? 
_reflns_shell.number_measured_all                           ? 
_reflns_shell.number_measured_obs                           ? 
_reflns_shell.number_possible                               ? 
_reflns_shell.number_unique_all                             ? 
_reflns_shell.number_unique_obs                             1304 
_reflns_shell.percent_possible_obs                          ? 
_reflns_shell.Rmerge_F_all                                  ? 
_reflns_shell.Rmerge_F_obs                                  ? 
_reflns_shell.meanI_over_sigI_gt                            ? 
_reflns_shell.meanI_over_uI_all                             ? 
_reflns_shell.meanI_over_uI_gt                              ? 
_reflns_shell.number_measured_gt                            ? 
_reflns_shell.number_unique_gt                              ? 
_reflns_shell.percent_possible_gt                           ? 
_reflns_shell.Rmerge_F_gt                                   ? 
_reflns_shell.Rmerge_I_gt                                   ? 
_reflns_shell.pdbx_redundancy                               ? 
_reflns_shell.pdbx_chi_squared                              ? 
_reflns_shell.pdbx_netI_over_sigmaI_all                     ? 
_reflns_shell.pdbx_netI_over_sigmaI_obs                     ? 
_reflns_shell.pdbx_Rrim_I_all                               ? 
_reflns_shell.pdbx_Rpim_I_all                               ? 
_reflns_shell.pdbx_rejects                                  ? 
_reflns_shell.pdbx_ordinal                                  1 
_reflns_shell.pdbx_diffrn_id                                1 
_reflns_shell.pdbx_CC_half                                  0.47 
_reflns_shell.pdbx_CC_star                                  ? 
_reflns_shell.pdbx_R_split                                  ? 
_reflns_shell.percent_possible_all                          ? 
_reflns_shell.Rmerge_I_all                                  ? 
_reflns_shell.Rmerge_I_obs                                  ? 
_reflns_shell.pdbx_Rsym_value                               ? 
_reflns_shell.pdbx_percent_possible_ellipsoidal             ? 
_reflns_shell.pdbx_percent_possible_spherical               ? 
_reflns_shell.pdbx_percent_possible_ellipsoidal_anomalous   ? 
_reflns_shell.pdbx_percent_possible_spherical_anomalous     ? 
_reflns_shell.pdbx_redundancy_anomalous                     ? 
_reflns_shell.pdbx_CC_half_anomalous                        ? 
_reflns_shell.pdbx_absDiff_over_sigma_anomalous             ? 
_reflns_shell.pdbx_percent_possible_anomalous               ? 
# 
_refine.aniso_B[1][1]                            ? 
_refine.aniso_B[1][2]                            ? 
_refine.aniso_B[1][3]                            ? 
_refine.aniso_B[2][2]                            ? 
_refine.aniso_B[2][3]                            ? 
_refine.aniso_B[3][3]                            ? 
_refine.B_iso_max                                ? 
_refine.B_iso_mean                               ? 
_refine.B_iso_min                                ? 
_refine.correlation_coeff_Fo_to_Fc               ? 
_refine.correlation_coeff_Fo_to_Fc_free          ? 
_refine.details                                  'HYDROGENS HAVE BEEN ADDED IN THE RIDING POSITIONS' 
_refine.diff_density_max                         ? 
_refine.diff_density_max_esd                     ? 
_refine.diff_density_min                         ? 
_refine.diff_density_min_esd                     ? 
_refine.diff_density_rms                         ? 
_refine.diff_density_rms_esd                     ? 
_refine.entry_id                                 9J3S 
_refine.pdbx_refine_id                           'X-RAY DIFFRACTION' 
_refine.ls_abs_structure_details                 ? 
_refine.ls_abs_structure_Flack                   ? 
_refine.ls_abs_structure_Flack_esd               ? 
_refine.ls_abs_structure_Rogers                  ? 
_refine.ls_abs_structure_Rogers_esd              ? 
_refine.ls_d_res_high                            1.68 
_refine.ls_d_res_low                             45.85 
_refine.ls_extinction_coef                       ? 
_refine.ls_extinction_coef_esd                   ? 
_refine.ls_extinction_expression                 ? 
_refine.ls_extinction_method                     ? 
_refine.ls_goodness_of_fit_all                   ? 
_refine.ls_goodness_of_fit_all_esd               ? 
_refine.ls_goodness_of_fit_obs                   ? 
_refine.ls_goodness_of_fit_obs_esd               ? 
_refine.ls_hydrogen_treatment                    ? 
_refine.ls_matrix_type                           ? 
_refine.ls_number_constraints                    ? 
_refine.ls_number_parameters                     ? 
_refine.ls_number_reflns_all                     ? 
_refine.ls_number_reflns_obs                     13375 
_refine.ls_number_reflns_R_free                  651 
_refine.ls_number_reflns_R_work                  ? 
_refine.ls_number_restraints                     ? 
_refine.ls_percent_reflns_obs                    99.98 
_refine.ls_percent_reflns_R_free                 4.87 
_refine.ls_R_factor_all                          ? 
_refine.ls_R_factor_obs                          0.3216 
_refine.ls_R_factor_R_free                       0.3352 
_refine.ls_R_factor_R_free_error                 ? 
_refine.ls_R_factor_R_free_error_details         ? 
_refine.ls_R_factor_R_work                       0.3209 
_refine.ls_R_Fsqd_factor_obs                     ? 
_refine.ls_R_I_factor_obs                        ? 
_refine.ls_redundancy_reflns_all                 ? 
_refine.ls_redundancy_reflns_obs                 ? 
_refine.ls_restrained_S_all                      ? 
_refine.ls_restrained_S_obs                      ? 
_refine.ls_shift_over_esd_max                    ? 
_refine.ls_shift_over_esd_mean                   ? 
_refine.ls_structure_factor_coef                 ? 
_refine.ls_weighting_details                     ? 
_refine.ls_weighting_scheme                      ? 
_refine.ls_wR_factor_all                         ? 
_refine.ls_wR_factor_obs                         ? 
_refine.ls_wR_factor_R_free                      ? 
_refine.ls_wR_factor_R_work                      ? 
_refine.occupancy_max                            ? 
_refine.occupancy_min                            ? 
_refine.solvent_model_details                    MASK 
_refine.solvent_model_param_bsol                 ? 
_refine.solvent_model_param_ksol                 ? 
_refine.pdbx_R_complete                          ? 
_refine.ls_R_factor_gt                           ? 
_refine.ls_goodness_of_fit_gt                    ? 
_refine.ls_goodness_of_fit_ref                   ? 
_refine.ls_shift_over_su_max                     ? 
_refine.ls_shift_over_su_max_lt                  ? 
_refine.ls_shift_over_su_mean                    ? 
_refine.ls_shift_over_su_mean_lt                 ? 
_refine.pdbx_ls_sigma_I                          ? 
_refine.pdbx_ls_sigma_F                          1.35 
_refine.pdbx_ls_sigma_Fsqd                       ? 
_refine.pdbx_data_cutoff_high_absF               ? 
_refine.pdbx_data_cutoff_high_rms_absF           ? 
_refine.pdbx_data_cutoff_low_absF                ? 
_refine.pdbx_isotropic_thermal_model             ? 
_refine.pdbx_ls_cross_valid_method               THROUGHOUT 
_refine.pdbx_method_to_determine_struct          SAD 
_refine.pdbx_starting_model                      ? 
_refine.pdbx_stereochemistry_target_values       'MAXIMUM LIKELIHOOD' 
_refine.pdbx_R_Free_selection_details            RANDOM 
_refine.pdbx_stereochem_target_val_spec_case     ? 
_refine.pdbx_overall_ESU_R                       ? 
_refine.pdbx_overall_ESU_R_Free                  ? 
_refine.pdbx_solvent_vdw_probe_radii             1.11 
_refine.pdbx_solvent_ion_probe_radii             ? 
_refine.pdbx_solvent_shrinkage_radii             0.90 
_refine.pdbx_real_space_R                        ? 
_refine.pdbx_density_correlation                 ? 
_refine.pdbx_pd_number_of_powder_patterns        ? 
_refine.pdbx_pd_number_of_points                 ? 
_refine.pdbx_pd_meas_number_of_points            ? 
_refine.pdbx_pd_proc_ls_prof_R_factor            ? 
_refine.pdbx_pd_proc_ls_prof_wR_factor           ? 
_refine.pdbx_pd_Marquardt_correlation_coeff      ? 
_refine.pdbx_pd_Fsqrd_R_factor                   ? 
_refine.pdbx_pd_ls_matrix_band_width             ? 
_refine.pdbx_overall_phase_error                 39.74 
_refine.pdbx_overall_SU_R_free_Cruickshank_DPI   ? 
_refine.pdbx_overall_SU_R_free_Blow_DPI          ? 
_refine.pdbx_overall_SU_R_Blow_DPI               ? 
_refine.pdbx_TLS_residual_ADP_flag               ? 
_refine.pdbx_diffrn_id                           1 
_refine.overall_SU_B                             ? 
_refine.overall_SU_ML                            0.22 
_refine.overall_SU_R_Cruickshank_DPI             ? 
_refine.overall_SU_R_free                        ? 
_refine.overall_FOM_free_R_set                   ? 
_refine.overall_FOM_work_R_set                   ? 
_refine.pdbx_average_fsc_overall                 ? 
_refine.pdbx_average_fsc_work                    ? 
_refine.pdbx_average_fsc_free                    ? 
# 
_refine_hist.pdbx_refine_id                   'X-RAY DIFFRACTION' 
_refine_hist.cycle_id                         LAST 
_refine_hist.pdbx_number_atoms_protein        725 
_refine_hist.pdbx_number_atoms_nucleic_acid   0 
_refine_hist.pdbx_number_atoms_ligand         0 
_refine_hist.number_atoms_solvent             17 
_refine_hist.number_atoms_total               742 
_refine_hist.d_res_high                       1.68 
_refine_hist.d_res_low                        45.85 
# 
loop_
_refine_ls_restr.pdbx_refine_id 
_refine_ls_restr.criterion 
_refine_ls_restr.dev_ideal 
_refine_ls_restr.dev_ideal_target 
_refine_ls_restr.number 
_refine_ls_restr.rejects 
_refine_ls_restr.type 
_refine_ls_restr.weight 
_refine_ls_restr.pdbx_restraint_function 
'X-RAY DIFFRACTION' ? 0.009  ? 719 ? f_bond_d           ? ? 
'X-RAY DIFFRACTION' ? 1.629  ? 927 ? f_angle_d          ? ? 
'X-RAY DIFFRACTION' ? 22.901 ? 315 ? f_dihedral_angle_d ? ? 
'X-RAY DIFFRACTION' ? 0.139  ? 125 ? f_chiral_restr     ? ? 
'X-RAY DIFFRACTION' ? 0.004  ? 89  ? f_plane_restr      ? ? 
# 
loop_
_refine_ls_shell.pdbx_refine_id 
_refine_ls_shell.d_res_high 
_refine_ls_shell.d_res_low 
_refine_ls_shell.number_reflns_all 
_refine_ls_shell.number_reflns_obs 
_refine_ls_shell.number_reflns_R_free 
_refine_ls_shell.number_reflns_R_work 
_refine_ls_shell.percent_reflns_obs 
_refine_ls_shell.percent_reflns_R_free 
_refine_ls_shell.R_factor_all 
_refine_ls_shell.R_factor_obs 
_refine_ls_shell.R_factor_R_free_error 
_refine_ls_shell.R_factor_R_work 
_refine_ls_shell.redundancy_reflns_all 
_refine_ls_shell.redundancy_reflns_obs 
_refine_ls_shell.wR_factor_all 
_refine_ls_shell.wR_factor_obs 
_refine_ls_shell.wR_factor_R_free 
_refine_ls_shell.wR_factor_R_work 
_refine_ls_shell.pdbx_R_complete 
_refine_ls_shell.pdbx_total_number_of_bins_used 
_refine_ls_shell.pdbx_phase_error 
_refine_ls_shell.pdbx_fsc_work 
_refine_ls_shell.pdbx_fsc_free 
_refine_ls_shell.R_factor_R_free 
'X-RAY DIFFRACTION' 1.68 1.81  . . 119 2502 100.00 . . . . 0.3452 . . . . . . . . . . . 0.3978 
'X-RAY DIFFRACTION' 1.81 1.99  . . 140 2472 100.00 . . . . 0.3436 . . . . . . . . . . . 0.3562 
'X-RAY DIFFRACTION' 1.99 2.27  . . 140 2512 100.00 . . . . 0.3002 . . . . . . . . . . . 0.3615 
'X-RAY DIFFRACTION' 2.28 2.87  . . 116 2555 100.00 . . . . 0.3224 . . . . . . . . . . . 0.3377 
'X-RAY DIFFRACTION' 2.87 45.85 . . 136 2683 100.00 . . . . 0.3211 . . . . . . . . . . . 0.3240 
# 
_struct.entry_id                     9J3S 
_struct.title                        
'De Novo Designed Cell-Penetrating Peptide Self-Assembly Featuring Distinctive Tertiary Structure' 
_struct.pdbx_model_details           ? 
_struct.pdbx_formula_weight          ? 
_struct.pdbx_formula_weight_method   ? 
_struct.pdbx_model_type_details      ? 
_struct.pdbx_CASP_flag               N 
# 
_struct_keywords.entry_id        9J3S 
_struct_keywords.text            
'CPP, Protein design, Peptide self-assembly, Amphipathic peptides, Cell-penetration, DE NOVO PROTEIN' 
_struct_keywords.pdbx_keywords   'DE NOVO PROTEIN' 
# 
loop_
_struct_asym.id 
_struct_asym.pdbx_blank_PDB_chainid_flag 
_struct_asym.pdbx_modified 
_struct_asym.entity_id 
_struct_asym.details 
A N N 1 ? 
B N N 1 ? 
C N N 1 ? 
D N N 1 ? 
E N N 1 ? 
F N N 1 ? 
G N N 2 ? 
H N N 2 ? 
I N N 2 ? 
J N N 2 ? 
# 
_struct_ref.id                         1 
_struct_ref.db_name                    PDB 
_struct_ref.db_code                    9J3S 
_struct_ref.pdbx_db_accession          9J3S 
_struct_ref.pdbx_db_isoform            ? 
_struct_ref.entity_id                  1 
_struct_ref.pdbx_seq_one_letter_code   ? 
_struct_ref.pdbx_align_begin           1 
# 
loop_
_struct_ref_seq.align_id 
_struct_ref_seq.ref_id 
_struct_ref_seq.pdbx_PDB_id_code 
_struct_ref_seq.pdbx_strand_id 
_struct_ref_seq.seq_align_beg 
_struct_ref_seq.pdbx_seq_align_beg_ins_code 
_struct_ref_seq.seq_align_end 
_struct_ref_seq.pdbx_seq_align_end_ins_code 
_struct_ref_seq.pdbx_db_accession 
_struct_ref_seq.db_align_beg 
_struct_ref_seq.pdbx_db_align_beg_ins_code 
_struct_ref_seq.db_align_end 
_struct_ref_seq.pdbx_db_align_end_ins_code 
_struct_ref_seq.pdbx_auth_seq_align_beg 
_struct_ref_seq.pdbx_auth_seq_align_end 
1 1 9J3S A 1 ? 16 ? 9J3S 1 ? 16 ? 1 16 
2 1 9J3S C 1 ? 16 ? 9J3S 1 ? 16 ? 1 16 
3 1 9J3S B 1 ? 16 ? 9J3S 1 ? 16 ? 1 16 
4 1 9J3S D 1 ? 16 ? 9J3S 1 ? 16 ? 1 16 
5 1 9J3S E 1 ? 16 ? 9J3S 1 ? 16 ? 1 16 
6 1 9J3S F 1 ? 16 ? 9J3S 1 ? 16 ? 1 16 
# 
_pdbx_struct_assembly.id                   1 
_pdbx_struct_assembly.details              author_and_software_defined_assembly 
_pdbx_struct_assembly.method_details       PISA 
_pdbx_struct_assembly.oligomeric_details   hexameric 
_pdbx_struct_assembly.oligomeric_count     6 
# 
loop_
_pdbx_struct_assembly_prop.biol_id 
_pdbx_struct_assembly_prop.type 
_pdbx_struct_assembly_prop.value 
_pdbx_struct_assembly_prop.details 
1 'ABSA (A^2)' 4460 ? 
1 MORE         -81  ? 
1 'SSA (A^2)'  6610 ? 
# 
_pdbx_struct_assembly_gen.assembly_id       1 
_pdbx_struct_assembly_gen.oper_expression   1 
_pdbx_struct_assembly_gen.asym_id_list      A,B,C,D,E,F,G,H,I,J 
# 
_pdbx_struct_assembly_auth_evidence.id                     1 
_pdbx_struct_assembly_auth_evidence.assembly_id            1 
_pdbx_struct_assembly_auth_evidence.experimental_support   'gel filtration' 
_pdbx_struct_assembly_auth_evidence.details                ? 
# 
_pdbx_struct_oper_list.id                   1 
_pdbx_struct_oper_list.type                 'identity operation' 
_pdbx_struct_oper_list.name                 1_555 
_pdbx_struct_oper_list.symmetry_operation   x,y,z 
_pdbx_struct_oper_list.matrix[1][1]         1.0000000000 
_pdbx_struct_oper_list.matrix[1][2]         0.0000000000 
_pdbx_struct_oper_list.matrix[1][3]         0.0000000000 
_pdbx_struct_oper_list.vector[1]            0.0000000000 
_pdbx_struct_oper_list.matrix[2][1]         0.0000000000 
_pdbx_struct_oper_list.matrix[2][2]         1.0000000000 
_pdbx_struct_oper_list.matrix[2][3]         0.0000000000 
_pdbx_struct_oper_list.vector[2]            0.0000000000 
_pdbx_struct_oper_list.matrix[3][1]         0.0000000000 
_pdbx_struct_oper_list.matrix[3][2]         0.0000000000 
_pdbx_struct_oper_list.matrix[3][3]         1.0000000000 
_pdbx_struct_oper_list.vector[3]            0.0000000000 
# 
loop_
_struct_conf.conf_type_id 
_struct_conf.id 
_struct_conf.pdbx_PDB_helix_id 
_struct_conf.beg_label_comp_id 
_struct_conf.beg_label_asym_id 
_struct_conf.beg_label_seq_id 
_struct_conf.pdbx_beg_PDB_ins_code 
_struct_conf.end_label_comp_id 
_struct_conf.end_label_asym_id 
_struct_conf.end_label_seq_id 
_struct_conf.pdbx_end_PDB_ins_code 
_struct_conf.beg_auth_comp_id 
_struct_conf.beg_auth_asym_id 
_struct_conf.beg_auth_seq_id 
_struct_conf.end_auth_comp_id 
_struct_conf.end_auth_asym_id 
_struct_conf.end_auth_seq_id 
_struct_conf.pdbx_PDB_helix_class 
_struct_conf.details 
_struct_conf.pdbx_PDB_helix_length 
HELX_P HELX_P1 AA1 DLE A 1 ? GLY A 16 ? DLE A 1 GLY A 16 1 ? 16 
HELX_P HELX_P2 AA2 DLY B 2 ? GLY B 16 ? DLY C 2 GLY C 16 1 ? 15 
HELX_P HELX_P3 AA3 DLY C 2 ? DAL C 15 ? DLY B 2 DAL B 15 1 ? 14 
HELX_P HELX_P4 AA4 DLY D 2 ? GLY D 16 ? DLY D 2 GLY D 16 1 ? 15 
HELX_P HELX_P5 AA5 DLY E 2 ? DAL E 15 ? DLY E 2 DAL E 15 1 ? 14 
HELX_P HELX_P6 AA6 DLY F 2 ? DAL F 15 ? DLY F 2 DAL F 15 1 ? 14 
# 
_struct_conf_type.id          HELX_P 
_struct_conf_type.criteria    ? 
_struct_conf_type.reference   ? 
# 
loop_
_struct_conn.id 
_struct_conn.conn_type_id 
_struct_conn.pdbx_leaving_atom_flag 
_struct_conn.pdbx_PDB_id 
_struct_conn.ptnr1_label_asym_id 
_struct_conn.ptnr1_label_comp_id 
_struct_conn.ptnr1_label_seq_id 
_struct_conn.ptnr1_label_atom_id 
_struct_conn.pdbx_ptnr1_label_alt_id 
_struct_conn.pdbx_ptnr1_PDB_ins_code 
_struct_conn.pdbx_ptnr1_standard_comp_id 
_struct_conn.ptnr1_symmetry 
_struct_conn.ptnr2_label_asym_id 
_struct_conn.ptnr2_label_comp_id 
_struct_conn.ptnr2_label_seq_id 
_struct_conn.ptnr2_label_atom_id 
_struct_conn.pdbx_ptnr2_label_alt_id 
_struct_conn.pdbx_ptnr2_PDB_ins_code 
_struct_conn.ptnr1_auth_asym_id 
_struct_conn.ptnr1_auth_comp_id 
_struct_conn.ptnr1_auth_seq_id 
_struct_conn.ptnr2_auth_asym_id 
_struct_conn.ptnr2_auth_comp_id 
_struct_conn.ptnr2_auth_seq_id 
_struct_conn.ptnr2_symmetry 
_struct_conn.pdbx_ptnr3_label_atom_id 
_struct_conn.pdbx_ptnr3_label_seq_id 
_struct_conn.pdbx_ptnr3_label_comp_id 
_struct_conn.pdbx_ptnr3_label_asym_id 
_struct_conn.pdbx_ptnr3_label_alt_id 
_struct_conn.pdbx_ptnr3_PDB_ins_code 
_struct_conn.details 
_struct_conn.pdbx_dist_value 
_struct_conn.pdbx_value_order 
_struct_conn.pdbx_role 
disulf1  disulf ?    ? A DCY 5  SG ? ? ? 1_555 C DCY 12 SG ? ? A DCY 5  B DCY 12 1_555 ? ? ? ? ? ? ? 2.030 ? ? 
disulf2  disulf ?    ? A DCY 12 SG ? ? ? 1_555 C DCY 5  SG ? ? A DCY 12 B DCY 5  1_555 ? ? ? ? ? ? ? 2.015 ? ? 
disulf3  disulf ?    ? B DCY 5  SG ? ? ? 1_555 D DCY 12 SG ? ? C DCY 5  D DCY 12 1_555 ? ? ? ? ? ? ? 2.023 ? ? 
disulf4  disulf ?    ? B DCY 12 SG ? ? ? 1_555 D DCY 5  SG ? ? C DCY 12 D DCY 5  1_555 ? ? ? ? ? ? ? 2.019 ? ? 
disulf5  disulf ?    ? E DCY 5  SG ? ? ? 1_555 F DCY 12 SG ? ? E DCY 5  F DCY 12 1_555 ? ? ? ? ? ? ? 2.030 ? ? 
disulf6  disulf ?    ? E DCY 12 SG ? ? ? 1_555 F DCY 5  SG ? ? E DCY 12 F DCY 5  1_555 ? ? ? ? ? ? ? 2.029 ? ? 
covale1  covale both ? A DLE 1  C  ? ? ? 1_555 A DLY 2  N  ? ? A DLE 1  A DLY 2  1_555 ? ? ? ? ? ? ? 1.328 ? ? 
covale2  covale both ? A DLY 2  C  ? ? ? 1_555 A DLY 3  N  ? ? A DLY 2  A DLY 3  1_555 ? ? ? ? ? ? ? 1.331 ? ? 
covale3  covale both ? A DLY 3  C  ? ? ? 1_555 A DLE 4  N  ? ? A DLY 3  A DLE 4  1_555 ? ? ? ? ? ? ? 1.332 ? ? 
covale4  covale both ? A DLE 4  C  ? ? ? 1_555 A DCY 5  N  ? ? A DLE 4  A DCY 5  1_555 ? ? ? ? ? ? ? 1.327 ? ? 
covale5  covale both ? A DCY 5  C  ? ? ? 1_555 A DLY 6  N  ? ? A DCY 5  A DLY 6  1_555 ? ? ? ? ? ? ? 1.324 ? ? 
covale6  covale both ? A DLY 6  C  ? ? ? 1_555 A DLE 7  N  ? ? A DLY 6  A DLE 7  1_555 ? ? ? ? ? ? ? 1.330 ? ? 
covale7  covale both ? A DLE 7  C  ? ? ? 1_555 A DLE 8  N  ? ? A DLE 7  A DLE 8  1_555 ? ? ? ? ? ? ? 1.332 ? ? 
covale8  covale both ? A DLE 8  C  ? ? ? 1_555 A DLY 9  N  ? ? A DLE 8  A DLY 9  1_555 ? ? ? ? ? ? ? 1.321 ? ? 
covale9  covale both ? A DLY 9  C  ? ? ? 1_555 A DLY 10 N  ? ? A DLY 9  A DLY 10 1_555 ? ? ? ? ? ? ? 1.324 ? ? 
covale10 covale both ? A DLY 10 C  ? ? ? 1_555 A DLE 11 N  ? ? A DLY 10 A DLE 11 1_555 ? ? ? ? ? ? ? 1.337 ? ? 
covale11 covale both ? A DLE 11 C  ? ? ? 1_555 A DCY 12 N  ? ? A DLE 11 A DCY 12 1_555 ? ? ? ? ? ? ? 1.320 ? ? 
covale12 covale both ? A DCY 12 C  ? ? ? 1_555 A DLY 13 N  ? ? A DCY 12 A DLY 13 1_555 ? ? ? ? ? ? ? 1.327 ? ? 
covale13 covale both ? A DLY 13 C  ? ? ? 1_555 A DLE 14 N  ? ? A DLY 13 A DLE 14 1_555 ? ? ? ? ? ? ? 1.341 ? ? 
covale14 covale both ? A DLE 14 C  ? ? ? 1_555 A DAL 15 N  ? ? A DLE 14 A DAL 15 1_555 ? ? ? ? ? ? ? 1.330 ? ? 
covale15 covale both ? A DAL 15 C  ? ? ? 1_555 A GLY 16 N  ? ? A DAL 15 A GLY 16 1_555 ? ? ? ? ? ? ? 1.332 ? ? 
covale16 covale both ? B DLE 1  C  ? ? ? 1_555 B DLY 2  N  ? ? C DLE 1  C DLY 2  1_555 ? ? ? ? ? ? ? 1.328 ? ? 
covale17 covale both ? B DLY 2  C  ? ? ? 1_555 B DLY 3  N  ? ? C DLY 2  C DLY 3  1_555 ? ? ? ? ? ? ? 1.331 ? ? 
covale18 covale both ? B DLY 3  C  ? ? ? 1_555 B DLE 4  N  ? ? C DLY 3  C DLE 4  1_555 ? ? ? ? ? ? ? 1.332 ? ? 
covale19 covale both ? B DLE 4  C  ? ? ? 1_555 B DCY 5  N  ? ? C DLE 4  C DCY 5  1_555 ? ? ? ? ? ? ? 1.326 ? ? 
covale20 covale both ? B DCY 5  C  ? ? ? 1_555 B DLY 6  N  ? ? C DCY 5  C DLY 6  1_555 ? ? ? ? ? ? ? 1.334 ? ? 
covale21 covale both ? B DLY 6  C  ? ? ? 1_555 B DLE 7  N  ? ? C DLY 6  C DLE 7  1_555 ? ? ? ? ? ? ? 1.334 ? ? 
covale22 covale both ? B DLE 7  C  ? ? ? 1_555 B DLE 8  N  ? ? C DLE 7  C DLE 8  1_555 ? ? ? ? ? ? ? 1.330 ? ? 
covale23 covale both ? B DLE 8  C  ? ? ? 1_555 B DLY 9  N  ? ? C DLE 8  C DLY 9  1_555 ? ? ? ? ? ? ? 1.331 ? ? 
covale24 covale both ? B DLY 9  C  ? ? ? 1_555 B DLY 10 N  ? ? C DLY 9  C DLY 10 1_555 ? ? ? ? ? ? ? 1.320 ? ? 
covale25 covale both ? B DLY 10 C  ? ? ? 1_555 B DLE 11 N  ? ? C DLY 10 C DLE 11 1_555 ? ? ? ? ? ? ? 1.339 ? ? 
covale26 covale both ? B DLE 11 C  ? ? ? 1_555 B DCY 12 N  ? ? C DLE 11 C DCY 12 1_555 ? ? ? ? ? ? ? 1.324 ? ? 
covale27 covale both ? B DCY 12 C  ? ? ? 1_555 B DLY 13 N  ? ? C DCY 12 C DLY 13 1_555 ? ? ? ? ? ? ? 1.336 ? ? 
covale28 covale both ? B DLY 13 C  ? ? ? 1_555 B DLE 14 N  ? ? C DLY 13 C DLE 14 1_555 ? ? ? ? ? ? ? 1.330 ? ? 
covale29 covale both ? B DLE 14 C  ? ? ? 1_555 B DAL 15 N  ? ? C DLE 14 C DAL 15 1_555 ? ? ? ? ? ? ? 1.321 ? ? 
covale30 covale both ? B DAL 15 C  ? ? ? 1_555 B GLY 16 N  ? ? C DAL 15 C GLY 16 1_555 ? ? ? ? ? ? ? 1.322 ? ? 
covale31 covale both ? C DLE 1  C  ? ? ? 1_555 C DLY 2  N  ? ? B DLE 1  B DLY 2  1_555 ? ? ? ? ? ? ? 1.333 ? ? 
covale32 covale both ? C DLY 2  C  ? ? ? 1_555 C DLY 3  N  ? ? B DLY 2  B DLY 3  1_555 ? ? ? ? ? ? ? 1.330 ? ? 
covale33 covale both ? C DLY 3  C  ? ? ? 1_555 C DLE 4  N  ? ? B DLY 3  B DLE 4  1_555 ? ? ? ? ? ? ? 1.329 ? ? 
covale34 covale both ? C DLE 4  C  ? ? ? 1_555 C DCY 5  N  ? ? B DLE 4  B DCY 5  1_555 ? ? ? ? ? ? ? 1.326 ? ? 
covale35 covale both ? C DCY 5  C  ? ? ? 1_555 C DLY 6  N  ? ? B DCY 5  B DLY 6  1_555 ? ? ? ? ? ? ? 1.330 ? ? 
covale36 covale both ? C DLY 6  C  ? ? ? 1_555 C DLE 7  N  ? ? B DLY 6  B DLE 7  1_555 ? ? ? ? ? ? ? 1.330 ? ? 
covale37 covale both ? C DLE 7  C  ? ? ? 1_555 C DLE 8  N  ? ? B DLE 7  B DLE 8  1_555 ? ? ? ? ? ? ? 1.330 ? ? 
covale38 covale both ? C DLE 8  C  ? ? ? 1_555 C DLY 9  N  ? ? B DLE 8  B DLY 9  1_555 ? ? ? ? ? ? ? 1.326 ? ? 
covale39 covale both ? C DLY 9  C  ? ? ? 1_555 C DLY 10 N  ? ? B DLY 9  B DLY 10 1_555 ? ? ? ? ? ? ? 1.330 ? ? 
covale40 covale both ? C DLY 10 C  ? ? ? 1_555 C DLE 11 N  ? ? B DLY 10 B DLE 11 1_555 ? ? ? ? ? ? ? 1.328 ? ? 
covale41 covale both ? C DLE 11 C  ? ? ? 1_555 C DCY 12 N  ? ? B DLE 11 B DCY 12 1_555 ? ? ? ? ? ? ? 1.330 ? ? 
covale42 covale both ? C DCY 12 C  ? ? ? 1_555 C DLY 13 N  ? ? B DCY 12 B DLY 13 1_555 ? ? ? ? ? ? ? 1.327 ? ? 
covale43 covale both ? C DLY 13 C  ? ? ? 1_555 C DLE 14 N  ? ? B DLY 13 B DLE 14 1_555 ? ? ? ? ? ? ? 1.331 ? ? 
covale44 covale both ? C DLE 14 C  ? ? ? 1_555 C DAL 15 N  ? ? B DLE 14 B DAL 15 1_555 ? ? ? ? ? ? ? 1.326 ? ? 
covale45 covale both ? D DLE 1  C  ? ? ? 1_555 D DLY 2  N  ? ? D DLE 1  D DLY 2  1_555 ? ? ? ? ? ? ? 1.320 ? ? 
covale46 covale both ? D DLY 2  C  ? ? ? 1_555 D DLY 3  N  ? ? D DLY 2  D DLY 3  1_555 ? ? ? ? ? ? ? 1.333 ? ? 
covale47 covale both ? D DLY 3  C  ? ? ? 1_555 D DLE 4  N  ? ? D DLY 3  D DLE 4  1_555 ? ? ? ? ? ? ? 1.327 ? ? 
covale48 covale both ? D DLE 4  C  ? ? ? 1_555 D DCY 5  N  ? ? D DLE 4  D DCY 5  1_555 ? ? ? ? ? ? ? 1.326 ? ? 
covale49 covale both ? D DCY 5  C  ? ? ? 1_555 D DLY 6  N  ? ? D DCY 5  D DLY 6  1_555 ? ? ? ? ? ? ? 1.326 ? ? 
covale50 covale both ? D DLY 6  C  ? ? ? 1_555 D DLE 7  N  ? ? D DLY 6  D DLE 7  1_555 ? ? ? ? ? ? ? 1.335 ? ? 
covale51 covale both ? D DLE 7  C  ? ? ? 1_555 D DLE 8  N  ? ? D DLE 7  D DLE 8  1_555 ? ? ? ? ? ? ? 1.331 ? ? 
covale52 covale both ? D DLE 8  C  ? ? ? 1_555 D DLY 9  N  ? ? D DLE 8  D DLY 9  1_555 ? ? ? ? ? ? ? 1.326 ? ? 
covale53 covale both ? D DLY 9  C  ? ? ? 1_555 D DLY 10 N  ? ? D DLY 9  D DLY 10 1_555 ? ? ? ? ? ? ? 1.328 ? ? 
covale54 covale both ? D DLY 10 C  ? ? ? 1_555 D DLE 11 N  ? ? D DLY 10 D DLE 11 1_555 ? ? ? ? ? ? ? 1.330 ? ? 
covale55 covale both ? D DLE 11 C  ? ? ? 1_555 D DCY 12 N  ? ? D DLE 11 D DCY 12 1_555 ? ? ? ? ? ? ? 1.324 ? ? 
covale56 covale both ? D DCY 12 C  ? ? ? 1_555 D DLY 13 N  ? ? D DCY 12 D DLY 13 1_555 ? ? ? ? ? ? ? 1.323 ? ? 
covale57 covale both ? D DLY 13 C  ? ? ? 1_555 D DLE 14 N  ? ? D DLY 13 D DLE 14 1_555 ? ? ? ? ? ? ? 1.335 ? ? 
covale58 covale both ? D DLE 14 C  ? ? ? 1_555 D DAL 15 N  ? ? D DLE 14 D DAL 15 1_555 ? ? ? ? ? ? ? 1.327 ? ? 
covale59 covale both ? D DAL 15 C  ? ? ? 1_555 D GLY 16 N  ? ? D DAL 15 D GLY 16 1_555 ? ? ? ? ? ? ? 1.328 ? ? 
covale60 covale both ? E DLE 1  C  ? ? ? 1_555 E DLY 2  N  ? ? E DLE 1  E DLY 2  1_555 ? ? ? ? ? ? ? 1.327 ? ? 
covale61 covale both ? E DLY 2  C  ? ? ? 1_555 E DLY 3  N  ? ? E DLY 2  E DLY 3  1_555 ? ? ? ? ? ? ? 1.333 ? ? 
covale62 covale both ? E DLY 3  C  ? ? ? 1_555 E DLE 4  N  ? ? E DLY 3  E DLE 4  1_555 ? ? ? ? ? ? ? 1.332 ? ? 
covale63 covale both ? E DLE 4  C  ? ? ? 1_555 E DCY 5  N  ? ? E DLE 4  E DCY 5  1_555 ? ? ? ? ? ? ? 1.330 ? ? 
covale64 covale both ? E DCY 5  C  ? ? ? 1_555 E DLY 6  N  ? ? E DCY 5  E DLY 6  1_555 ? ? ? ? ? ? ? 1.329 ? ? 
covale65 covale both ? E DLY 6  C  ? ? ? 1_555 E DLE 7  N  ? ? E DLY 6  E DLE 7  1_555 ? ? ? ? ? ? ? 1.331 ? ? 
covale66 covale both ? E DLE 7  C  ? ? ? 1_555 E DLE 8  N  ? ? E DLE 7  E DLE 8  1_555 ? ? ? ? ? ? ? 1.329 ? ? 
covale67 covale both ? E DLE 8  C  ? ? ? 1_555 E DLY 9  N  ? ? E DLE 8  E DLY 9  1_555 ? ? ? ? ? ? ? 1.326 ? ? 
covale68 covale both ? E DLY 9  C  ? ? ? 1_555 E DLY 10 N  ? ? E DLY 9  E DLY 10 1_555 ? ? ? ? ? ? ? 1.328 ? ? 
covale69 covale both ? E DLY 10 C  ? ? ? 1_555 E DLE 11 N  ? ? E DLY 10 E DLE 11 1_555 ? ? ? ? ? ? ? 1.331 ? ? 
covale70 covale both ? E DLE 11 C  ? ? ? 1_555 E DCY 12 N  ? ? E DLE 11 E DCY 12 1_555 ? ? ? ? ? ? ? 1.329 ? ? 
covale71 covale both ? E DCY 12 C  ? ? ? 1_555 E DLY 13 N  ? ? E DCY 12 E DLY 13 1_555 ? ? ? ? ? ? ? 1.324 ? ? 
covale72 covale both ? E DLY 13 C  ? ? ? 1_555 E DLE 14 N  ? ? E DLY 13 E DLE 14 1_555 ? ? ? ? ? ? ? 1.330 ? ? 
covale73 covale both ? E DLE 14 C  ? ? ? 1_555 E DAL 15 N  ? ? E DLE 14 E DAL 15 1_555 ? ? ? ? ? ? ? 1.331 ? ? 
covale74 covale both ? F DLE 1  C  ? ? ? 1_555 F DLY 2  N  ? ? F DLE 1  F DLY 2  1_555 ? ? ? ? ? ? ? 1.332 ? ? 
covale75 covale both ? F DLY 2  C  ? ? ? 1_555 F DLY 3  N  ? ? F DLY 2  F DLY 3  1_555 ? ? ? ? ? ? ? 1.329 ? ? 
covale76 covale both ? F DLY 3  C  ? ? ? 1_555 F DLE 4  N  ? ? F DLY 3  F DLE 4  1_555 ? ? ? ? ? ? ? 1.332 ? ? 
covale77 covale both ? F DLE 4  C  ? ? ? 1_555 F DCY 5  N  ? ? F DLE 4  F DCY 5  1_555 ? ? ? ? ? ? ? 1.325 ? ? 
covale78 covale both ? F DCY 5  C  ? ? ? 1_555 F DLY 6  N  ? ? F DCY 5  F DLY 6  1_555 ? ? ? ? ? ? ? 1.328 ? ? 
covale79 covale both ? F DLY 6  C  ? ? ? 1_555 F DLE 7  N  ? ? F DLY 6  F DLE 7  1_555 ? ? ? ? ? ? ? 1.334 ? ? 
covale80 covale both ? F DLE 7  C  ? ? ? 1_555 F DLE 8  N  ? ? F DLE 7  F DLE 8  1_555 ? ? ? ? ? ? ? 1.327 ? ? 
covale81 covale both ? F DLE 8  C  ? ? ? 1_555 F DLY 9  N  ? ? F DLE 8  F DLY 9  1_555 ? ? ? ? ? ? ? 1.327 ? ? 
covale82 covale both ? F DLY 9  C  ? ? ? 1_555 F DLY 10 N  ? ? F DLY 9  F DLY 10 1_555 ? ? ? ? ? ? ? 1.332 ? ? 
covale83 covale both ? F DLY 10 C  ? ? ? 1_555 F DLE 11 N  ? ? F DLY 10 F DLE 11 1_555 ? ? ? ? ? ? ? 1.332 ? ? 
covale84 covale both ? F DLE 11 C  ? ? ? 1_555 F DCY 12 N  ? ? F DLE 11 F DCY 12 1_555 ? ? ? ? ? ? ? 1.327 ? ? 
covale85 covale both ? F DCY 12 C  ? ? ? 1_555 F DLY 13 N  ? ? F DCY 12 F DLY 13 1_555 ? ? ? ? ? ? ? 1.331 ? ? 
covale86 covale both ? F DLY 13 C  ? ? ? 1_555 F DLE 14 N  ? ? F DLY 13 F DLE 14 1_555 ? ? ? ? ? ? ? 1.330 ? ? 
covale87 covale both ? F DLE 14 C  ? ? ? 1_555 F DAL 15 N  ? ? F DLE 14 F DAL 15 1_555 ? ? ? ? ? ? ? 1.330 ? ? 
# 
loop_
_struct_conn_type.id 
_struct_conn_type.criteria 
_struct_conn_type.reference 
disulf ? ? 
covale ? ? 
# 
loop_
_pdbx_modification_feature.ordinal 
_pdbx_modification_feature.label_comp_id 
_pdbx_modification_feature.label_asym_id 
_pdbx_modification_feature.label_seq_id 
_pdbx_modification_feature.label_alt_id 
_pdbx_modification_feature.modified_residue_label_comp_id 
_pdbx_modification_feature.modified_residue_label_asym_id 
_pdbx_modification_feature.modified_residue_label_seq_id 
_pdbx_modification_feature.modified_residue_label_alt_id 
_pdbx_modification_feature.auth_comp_id 
_pdbx_modification_feature.auth_asym_id 
_pdbx_modification_feature.auth_seq_id 
_pdbx_modification_feature.PDB_ins_code 
_pdbx_modification_feature.symmetry 
_pdbx_modification_feature.modified_residue_auth_comp_id 
_pdbx_modification_feature.modified_residue_auth_asym_id 
_pdbx_modification_feature.modified_residue_auth_seq_id 
_pdbx_modification_feature.modified_residue_PDB_ins_code 
_pdbx_modification_feature.modified_residue_symmetry 
_pdbx_modification_feature.comp_id_linking_atom 
_pdbx_modification_feature.modified_residue_id_linking_atom 
_pdbx_modification_feature.modified_residue_id 
_pdbx_modification_feature.ref_pcm_id 
_pdbx_modification_feature.ref_comp_id 
_pdbx_modification_feature.type 
_pdbx_modification_feature.category 
1 DCY A 5  ? DCY C 12 ? DCY A 5  ? 1_555 DCY B 12 ? 1_555 SG SG . . . None 'Disulfide bridge' 
2 DCY A 12 ? DCY C 5  ? DCY A 12 ? 1_555 DCY B 5  ? 1_555 SG SG . . . None 'Disulfide bridge' 
3 DCY B 5  ? DCY D 12 ? DCY C 5  ? 1_555 DCY D 12 ? 1_555 SG SG . . . None 'Disulfide bridge' 
4 DCY B 12 ? DCY D 5  ? DCY C 12 ? 1_555 DCY D 5  ? 1_555 SG SG . . . None 'Disulfide bridge' 
5 DCY E 5  ? DCY F 12 ? DCY E 5  ? 1_555 DCY F 12 ? 1_555 SG SG . . . None 'Disulfide bridge' 
6 DCY E 12 ? DCY F 5  ? DCY E 12 ? 1_555 DCY F 5  ? 1_555 SG SG . . . None 'Disulfide bridge' 
# 
_pdbx_entry_details.entry_id                   9J3S 
_pdbx_entry_details.nonpolymer_details         ? 
_pdbx_entry_details.sequence_details           ? 
_pdbx_entry_details.compound_details           ? 
_pdbx_entry_details.source_details             ? 
_pdbx_entry_details.has_ligand_of_interest     N 
_pdbx_entry_details.has_protein_modification   Y 
# 
loop_
_pdbx_validate_close_contact.id 
_pdbx_validate_close_contact.PDB_model_num 
_pdbx_validate_close_contact.auth_atom_id_1 
_pdbx_validate_close_contact.auth_asym_id_1 
_pdbx_validate_close_contact.auth_comp_id_1 
_pdbx_validate_close_contact.auth_seq_id_1 
_pdbx_validate_close_contact.PDB_ins_code_1 
_pdbx_validate_close_contact.label_alt_id_1 
_pdbx_validate_close_contact.auth_atom_id_2 
_pdbx_validate_close_contact.auth_asym_id_2 
_pdbx_validate_close_contact.auth_comp_id_2 
_pdbx_validate_close_contact.auth_seq_id_2 
_pdbx_validate_close_contact.PDB_ins_code_2 
_pdbx_validate_close_contact.label_alt_id_2 
_pdbx_validate_close_contact.dist 
1 1 O E DLE 1   ? ? O E HOH 101 ? ? 2.13 
2 1 O D HOH 103 ? ? O D HOH 104 ? ? 2.19 
# 
loop_
_pdbx_unobs_or_zero_occ_residues.id 
_pdbx_unobs_or_zero_occ_residues.PDB_model_num 
_pdbx_unobs_or_zero_occ_residues.polymer_flag 
_pdbx_unobs_or_zero_occ_residues.occupancy_flag 
_pdbx_unobs_or_zero_occ_residues.auth_asym_id 
_pdbx_unobs_or_zero_occ_residues.auth_comp_id 
_pdbx_unobs_or_zero_occ_residues.auth_seq_id 
_pdbx_unobs_or_zero_occ_residues.PDB_ins_code 
_pdbx_unobs_or_zero_occ_residues.label_asym_id 
_pdbx_unobs_or_zero_occ_residues.label_comp_id 
_pdbx_unobs_or_zero_occ_residues.label_seq_id 
1 1 Y 1 B GLY 16 ? C GLY 16 
2 1 Y 1 E GLY 16 ? E GLY 16 
3 1 Y 1 F GLY 16 ? F GLY 16 
# 
loop_
_chem_comp_atom.comp_id 
_chem_comp_atom.atom_id 
_chem_comp_atom.type_symbol 
_chem_comp_atom.pdbx_aromatic_flag 
_chem_comp_atom.pdbx_stereo_config 
_chem_comp_atom.pdbx_ordinal 
DAL N    N N N 1  
DAL CA   C N R 2  
DAL CB   C N N 3  
DAL C    C N N 4  
DAL O    O N N 5  
DAL OXT  O N N 6  
DAL H    H N N 7  
DAL H2   H N N 8  
DAL HA   H N N 9  
DAL HB1  H N N 10 
DAL HB2  H N N 11 
DAL HB3  H N N 12 
DAL HXT  H N N 13 
DCY N    N N N 14 
DCY CA   C N S 15 
DCY C    C N N 16 
DCY O    O N N 17 
DCY CB   C N N 18 
DCY SG   S N N 19 
DCY OXT  O N N 20 
DCY H    H N N 21 
DCY H2   H N N 22 
DCY HA   H N N 23 
DCY HB2  H N N 24 
DCY HB3  H N N 25 
DCY HG   H N N 26 
DCY HXT  H N N 27 
DLE N    N N N 28 
DLE CA   C N R 29 
DLE CB   C N N 30 
DLE CG   C N N 31 
DLE CD1  C N N 32 
DLE CD2  C N N 33 
DLE C    C N N 34 
DLE O    O N N 35 
DLE OXT  O N N 36 
DLE H    H N N 37 
DLE H2   H N N 38 
DLE HA   H N N 39 
DLE HB2  H N N 40 
DLE HB3  H N N 41 
DLE HG   H N N 42 
DLE HD11 H N N 43 
DLE HD12 H N N 44 
DLE HD13 H N N 45 
DLE HD21 H N N 46 
DLE HD22 H N N 47 
DLE HD23 H N N 48 
DLE HXT  H N N 49 
DLY N    N N N 50 
DLY CA   C N R 51 
DLY C    C N N 52 
DLY O    O N N 53 
DLY CB   C N N 54 
DLY CG   C N N 55 
DLY CD   C N N 56 
DLY CE   C N N 57 
DLY NZ   N N N 58 
DLY OXT  O N N 59 
DLY H    H N N 60 
DLY H2   H N N 61 
DLY HA   H N N 62 
DLY HB2  H N N 63 
DLY HB3  H N N 64 
DLY HG2  H N N 65 
DLY HG3  H N N 66 
DLY HD2  H N N 67 
DLY HD3  H N N 68 
DLY HE2  H N N 69 
DLY HE3  H N N 70 
DLY HZ1  H N N 71 
DLY HZ2  H N N 72 
DLY HXT  H N N 73 
GLY N    N N N 74 
GLY CA   C N N 75 
GLY C    C N N 76 
GLY O    O N N 77 
GLY OXT  O N N 78 
GLY H    H N N 79 
GLY H2   H N N 80 
GLY HA2  H N N 81 
GLY HA3  H N N 82 
GLY HXT  H N N 83 
HOH O    O N N 84 
HOH H1   H N N 85 
HOH H2   H N N 86 
# 
loop_
_chem_comp_bond.comp_id 
_chem_comp_bond.atom_id_1 
_chem_comp_bond.atom_id_2 
_chem_comp_bond.value_order 
_chem_comp_bond.pdbx_aromatic_flag 
_chem_comp_bond.pdbx_stereo_config 
_chem_comp_bond.pdbx_ordinal 
DAL N   CA   sing N N 1  
DAL N   H    sing N N 2  
DAL N   H2   sing N N 3  
DAL CA  CB   sing N N 4  
DAL CA  C    sing N N 5  
DAL CA  HA   sing N N 6  
DAL CB  HB1  sing N N 7  
DAL CB  HB2  sing N N 8  
DAL CB  HB3  sing N N 9  
DAL C   O    doub N N 10 
DAL C   OXT  sing N N 11 
DAL OXT HXT  sing N N 12 
DCY N   CA   sing N N 13 
DCY N   H    sing N N 14 
DCY N   H2   sing N N 15 
DCY CA  C    sing N N 16 
DCY CA  CB   sing N N 17 
DCY CA  HA   sing N N 18 
DCY C   O    doub N N 19 
DCY C   OXT  sing N N 20 
DCY CB  SG   sing N N 21 
DCY CB  HB2  sing N N 22 
DCY CB  HB3  sing N N 23 
DCY SG  HG   sing N N 24 
DCY OXT HXT  sing N N 25 
DLE N   CA   sing N N 26 
DLE N   H    sing N N 27 
DLE N   H2   sing N N 28 
DLE CA  CB   sing N N 29 
DLE CA  C    sing N N 30 
DLE CA  HA   sing N N 31 
DLE CB  CG   sing N N 32 
DLE CB  HB2  sing N N 33 
DLE CB  HB3  sing N N 34 
DLE CG  CD1  sing N N 35 
DLE CG  CD2  sing N N 36 
DLE CG  HG   sing N N 37 
DLE CD1 HD11 sing N N 38 
DLE CD1 HD12 sing N N 39 
DLE CD1 HD13 sing N N 40 
DLE CD2 HD21 sing N N 41 
DLE CD2 HD22 sing N N 42 
DLE CD2 HD23 sing N N 43 
DLE C   O    doub N N 44 
DLE C   OXT  sing N N 45 
DLE OXT HXT  sing N N 46 
DLY N   CA   sing N N 47 
DLY N   H    sing N N 48 
DLY N   H2   sing N N 49 
DLY CA  C    sing N N 50 
DLY CA  CB   sing N N 51 
DLY CA  HA   sing N N 52 
DLY C   O    doub N N 53 
DLY C   OXT  sing N N 54 
DLY CB  CG   sing N N 55 
DLY CB  HB2  sing N N 56 
DLY CB  HB3  sing N N 57 
DLY CG  CD   sing N N 58 
DLY CG  HG2  sing N N 59 
DLY CG  HG3  sing N N 60 
DLY CD  CE   sing N N 61 
DLY CD  HD2  sing N N 62 
DLY CD  HD3  sing N N 63 
DLY CE  NZ   sing N N 64 
DLY CE  HE2  sing N N 65 
DLY CE  HE3  sing N N 66 
DLY NZ  HZ1  sing N N 67 
DLY NZ  HZ2  sing N N 68 
DLY OXT HXT  sing N N 69 
GLY N   CA   sing N N 70 
GLY N   H    sing N N 71 
GLY N   H2   sing N N 72 
GLY CA  C    sing N N 73 
GLY CA  HA2  sing N N 74 
GLY CA  HA3  sing N N 75 
GLY C   O    doub N N 76 
GLY C   OXT  sing N N 77 
GLY OXT HXT  sing N N 78 
HOH O   H1   sing N N 79 
HOH O   H2   sing N N 80 
# 
_pdbx_audit_support.funding_organization   'National Research Foundation (NRF, Korea)' 
_pdbx_audit_support.country                'Korea, Republic Of' 
_pdbx_audit_support.grant_number           ? 
_pdbx_audit_support.ordinal                1 
# 
_atom_sites.entry_id                    9J3S 
_atom_sites.Cartn_transf_matrix[1][1]   ? 
_atom_sites.Cartn_transf_matrix[1][2]   ? 
_atom_sites.Cartn_transf_matrix[1][3]   ? 
_atom_sites.Cartn_transf_matrix[2][1]   ? 
_atom_sites.Cartn_transf_matrix[2][2]   ? 
_atom_sites.Cartn_transf_matrix[2][3]   ? 
_atom_sites.Cartn_transf_matrix[3][1]   ? 
_atom_sites.Cartn_transf_matrix[3][2]   ? 
_atom_sites.Cartn_transf_matrix[3][3]   ? 
_atom_sites.Cartn_transf_vector[1]      ? 
_atom_sites.Cartn_transf_vector[2]      ? 
_atom_sites.Cartn_transf_vector[3]      ? 
_atom_sites.Cartn_transform_axes        ? 
_atom_sites.fract_transf_matrix[1][1]   0.01123100 
_atom_sites.fract_transf_matrix[1][2]   -0.00818968 
_atom_sites.fract_transf_matrix[1][3]   -0.00667841 
_atom_sites.fract_transf_matrix[2][1]   -0.00603651 
_atom_sites.fract_transf_matrix[2][2]   -0.01297111 
_atom_sites.fract_transf_matrix[2][3]   0.00575483 
_atom_sites.fract_transf_matrix[3][1]   -0.00530229 
_atom_sites.fract_transf_matrix[3][2]   -0.00096401 
_atom_sites.fract_transf_matrix[3][3]   -0.00773465 
_atom_sites.fract_transf_vector[1]      0.239823 
_atom_sites.fract_transf_vector[2]      -0.014585 
_atom_sites.fract_transf_vector[3]      0.153090 
_atom_sites.solution_primary            ? 
_atom_sites.solution_secondary          ? 
_atom_sites.solution_hydrogens          ? 
_atom_sites.special_details             ? 
# 
loop_
_atom_type.symbol 
C 
N 
O 
S 
# 
loop_
_atom_site.group_PDB 
_atom_site.id 
_atom_site.type_symbol 
_atom_site.label_atom_id 
_atom_site.label_alt_id 
_atom_site.label_comp_id 
_atom_site.label_asym_id 
_atom_site.label_entity_id 
_atom_site.label_seq_id 
_atom_site.pdbx_PDB_ins_code 
_atom_site.Cartn_x 
_atom_site.Cartn_y 
_atom_site.Cartn_z 
_atom_site.occupancy 
_atom_site.B_iso_or_equiv 
_atom_site.pdbx_formal_charge 
_atom_site.auth_seq_id 
_atom_site.auth_comp_id 
_atom_site.auth_asym_id 
_atom_site.auth_atom_id 
_atom_site.pdbx_PDB_model_num 
HETATM 1   N N   . DLE A 1 1  ? -8.670  -5.409  -4.201  1.00 49.51 ? 1   DLE A N   1 
HETATM 2   C CA  . DLE A 1 1  ? -9.709  -5.332  -5.219  1.00 44.32 ? 1   DLE A CA  1 
HETATM 3   C CB  . DLE A 1 1  ? -9.715  -6.587  -6.103  1.00 45.79 ? 1   DLE A CB  1 
HETATM 4   C CG  . DLE A 1 1  ? -8.415  -7.347  -6.387  1.00 45.34 ? 1   DLE A CG  1 
HETATM 5   C CD1 . DLE A 1 1  ? -8.609  -8.505  -7.382  1.00 48.59 ? 1   DLE A CD1 1 
HETATM 6   C CD2 . DLE A 1 1  ? -7.340  -6.432  -6.888  1.00 42.52 ? 1   DLE A CD2 1 
HETATM 7   C C   . DLE A 1 1  ? -9.595  -4.076  -6.076  1.00 46.79 ? 1   DLE A C   1 
HETATM 8   O O   . DLE A 1 1  ? -8.787  -3.186  -5.802  1.00 43.17 ? 1   DLE A O   1 
HETATM 9   N N   . DLY A 1 2  ? -10.431 -4.008  -7.105  1.00 45.59 ? 2   DLY A N   1 
HETATM 10  C CA  . DLY A 1 2  ? -10.455 -2.868  -8.004  1.00 47.01 ? 2   DLY A CA  1 
HETATM 11  C C   . DLY A 1 2  ? -9.153  -2.765  -8.791  1.00 42.91 ? 2   DLY A C   1 
HETATM 12  O O   . DLY A 1 2  ? -8.675  -1.663  -9.047  1.00 43.71 ? 2   DLY A O   1 
HETATM 13  C CB  . DLY A 1 2  ? -11.645 -2.973  -8.954  1.00 49.66 ? 2   DLY A CB  1 
HETATM 14  C CG  . DLY A 1 2  ? -12.941 -3.405  -8.271  1.00 51.50 ? 2   DLY A CG  1 
HETATM 15  C CD  . DLY A 1 2  ? -13.448 -2.381  -7.263  1.00 52.41 ? 2   DLY A CD  1 
HETATM 16  C CE  . DLY A 1 2  ? -14.529 -2.991  -6.382  1.00 55.35 ? 2   DLY A CE  1 
HETATM 17  N NZ  . DLY A 1 2  ? -15.431 -3.878  -7.167  1.00 56.27 ? 2   DLY A NZ  1 
HETATM 18  N N   . DLY A 1 3  ? -8.581  -3.905  -9.171  1.00 43.28 ? 3   DLY A N   1 
HETATM 19  C CA  . DLY A 1 3  ? -7.290  -3.904  -9.853  1.00 44.08 ? 3   DLY A CA  1 
HETATM 20  C C   . DLY A 1 3  ? -6.215  -3.298  -8.955  1.00 41.33 ? 3   DLY A C   1 
HETATM 21  O O   . DLY A 1 3  ? -5.437  -2.467  -9.404  1.00 39.29 ? 3   DLY A O   1 
HETATM 22  C CB  . DLY A 1 3  ? -6.886  -5.315  -10.277 1.00 45.64 ? 3   DLY A CB  1 
HETATM 23  C CG  . DLY A 1 3  ? -5.504  -5.409  -10.904 1.00 46.44 ? 3   DLY A CG  1 
HETATM 24  C CD  . DLY A 1 3  ? -5.112  -6.860  -11.171 1.00 51.98 ? 3   DLY A CD  1 
HETATM 25  C CE  . DLY A 1 3  ? -6.060  -7.521  -12.160 1.00 54.21 ? 3   DLY A CE  1 
HETATM 26  N NZ  . DLY A 1 3  ? -5.655  -8.916  -12.501 1.00 63.24 ? 3   DLY A NZ  1 
HETATM 27  N N   . DLE A 1 4  ? -6.167  -3.719  -7.692  1.00 41.32 ? 4   DLE A N   1 
HETATM 28  C CA  . DLE A 1 4  ? -5.218  -3.145  -6.723  1.00 37.96 ? 4   DLE A CA  1 
HETATM 29  C CB  . DLE A 1 4  ? -5.328  -3.862  -5.369  1.00 38.48 ? 4   DLE A CB  1 
HETATM 30  C CG  . DLE A 1 4  ? -4.390  -3.429  -4.245  1.00 37.53 ? 4   DLE A CG  1 
HETATM 31  C CD1 . DLE A 1 4  ? -4.510  -4.357  -3.051  1.00 38.12 ? 4   DLE A CD1 1 
HETATM 32  C CD2 . DLE A 1 4  ? -2.952  -3.355  -4.707  1.00 37.03 ? 4   DLE A CD2 1 
HETATM 33  C C   . DLE A 1 4  ? -5.396  -1.643  -6.542  1.00 38.63 ? 4   DLE A C   1 
HETATM 34  O O   . DLE A 1 4  ? -4.427  -0.878  -6.512  1.00 35.59 ? 4   DLE A O   1 
HETATM 35  N N   . DCY A 1 5  ? -6.643  -1.206  -6.410  1.00 36.06 ? 5   DCY A N   1 
HETATM 36  C CA  . DCY A 1 5  ? -6.896  0.199   -6.218  1.00 38.29 ? 5   DCY A CA  1 
HETATM 37  C C   . DCY A 1 5  ? -6.493  0.895   -7.487  1.00 35.16 ? 5   DCY A C   1 
HETATM 38  O O   . DCY A 1 5  ? -5.949  1.973   -7.450  1.00 35.29 ? 5   DCY A O   1 
HETATM 39  C CB  . DCY A 1 5  ? -8.365  0.448   -5.921  1.00 37.23 ? 5   DCY A CB  1 
HETATM 40  S SG  . DCY A 1 5  ? -8.773  0.040   -4.215  1.00 40.07 ? 5   DCY A SG  1 
HETATM 41  N N   . DLY A 1 6  ? -6.707  0.228   -8.610  1.00 39.00 ? 6   DLY A N   1 
HETATM 42  C CA  . DLY A 1 6  ? -6.311  0.794   -9.885  1.00 37.55 ? 6   DLY A CA  1 
HETATM 43  C C   . DLY A 1 6  ? -4.787  0.958   -9.930  1.00 34.32 ? 6   DLY A C   1 
HETATM 44  O O   . DLY A 1 6  ? -4.286  2.019   -10.314 1.00 36.62 ? 6   DLY A O   1 
HETATM 45  C CB  . DLY A 1 6  ? -6.824  -0.078  -11.032 1.00 39.98 ? 6   DLY A CB  1 
HETATM 46  C CG  . DLY A 1 6  ? -6.437  0.384   -12.425 1.00 43.27 ? 6   DLY A CG  1 
HETATM 47  C CD  . DLY A 1 6  ? -6.554  1.885   -12.604 1.00 44.60 ? 6   DLY A CD  1 
HETATM 48  C CE  . DLY A 1 6  ? -7.973  2.383   -12.528 1.00 48.11 ? 6   DLY A CE  1 
HETATM 49  N NZ  . DLY A 1 6  ? -8.907  1.598   -13.373 1.00 49.80 ? 6   DLY A NZ  1 
HETATM 50  N N   . DLE A 1 7  ? -4.066  -0.080  -9.516  1.00 36.12 ? 7   DLE A N   1 
HETATM 51  C CA  . DLE A 1 7  ? -2.602  -0.031  -9.475  1.00 34.58 ? 7   DLE A CA  1 
HETATM 52  C CB  . DLE A 1 7  ? -2.011  -1.380  -9.055  1.00 37.57 ? 7   DLE A CB  1 
HETATM 53  C CG  . DLE A 1 7  ? -1.369  -2.357  -10.047 1.00 42.50 ? 7   DLE A CG  1 
HETATM 54  C CD1 . DLE A 1 7  ? -1.757  -3.784  -9.692  1.00 40.44 ? 7   DLE A CD1 1 
HETATM 55  C CD2 . DLE A 1 7  ? -1.604  -2.044  -11.510 1.00 39.26 ? 7   DLE A CD2 1 
HETATM 56  C C   . DLE A 1 7  ? -2.101  1.050   -8.538  1.00 32.63 ? 7   DLE A C   1 
HETATM 57  O O   . DLE A 1 7  ? -1.147  1.766   -8.853  1.00 32.29 ? 7   DLE A O   1 
HETATM 58  N N   . DLE A 1 8  ? -2.733  1.172   -7.373  1.00 33.76 ? 8   DLE A N   1 
HETATM 59  C CA  . DLE A 1 8  ? -2.370  2.227   -6.442  1.00 29.98 ? 8   DLE A CA  1 
HETATM 60  C CB  . DLE A 1 8  ? -3.163  2.069   -5.129  1.00 34.41 ? 8   DLE A CB  1 
HETATM 61  C CG  . DLE A 1 8  ? -2.656  1.347   -3.866  1.00 39.45 ? 8   DLE A CG  1 
HETATM 62  C CD1 . DLE A 1 8  ? -3.740  0.436   -3.216  1.00 35.46 ? 8   DLE A CD1 1 
HETATM 63  C CD2 . DLE A 1 8  ? -1.310  0.635   -3.989  1.00 36.06 ? 8   DLE A CD2 1 
HETATM 64  C C   . DLE A 1 8  ? -2.606  3.609   -7.022  1.00 29.05 ? 8   DLE A C   1 
HETATM 65  O O   . DLE A 1 8  ? -1.851  4.523   -6.781  1.00 27.12 ? 8   DLE A O   1 
HETATM 66  N N   . DLY A 1 9  ? -3.697  3.774   -7.749  1.00 28.12 ? 9   DLY A N   1 
HETATM 67  C CA  . DLY A 1 9  ? -4.009  5.036   -8.378  1.00 29.10 ? 9   DLY A CA  1 
HETATM 68  C C   . DLY A 1 9  ? -2.912  5.420   -9.342  1.00 29.52 ? 9   DLY A C   1 
HETATM 69  O O   . DLY A 1 9  ? -2.398  6.556   -9.334  1.00 28.41 ? 9   DLY A O   1 
HETATM 70  C CB  . DLY A 1 9  ? -5.314  4.848   -9.123  1.00 32.22 ? 9   DLY A CB  1 
HETATM 71  C CG  . DLY A 1 9  ? -6.225  6.025   -9.139  1.00 42.63 ? 9   DLY A CG  1 
HETATM 72  C CD  . DLY A 1 9  ? -7.334  5.730   -10.115 1.00 43.25 ? 9   DLY A CD  1 
HETATM 73  C CE  . DLY A 1 9  ? -8.368  4.866   -9.395  1.00 47.26 ? 9   DLY A CE  1 
HETATM 74  N NZ  . DLY A 1 9  ? -9.304  4.113   -10.272 1.00 48.85 ? 9   DLY A NZ  1 
HETATM 75  N N   . DLY A 1 10 ? -2.520  4.435   -10.136 1.00 32.39 ? 10  DLY A N   1 
HETATM 76  C CA  . DLY A 1 10 ? -1.565  4.686   -11.200 1.00 30.96 ? 10  DLY A CA  1 
HETATM 77  C C   . DLY A 1 10 ? -0.170  4.890   -10.621 1.00 27.16 ? 10  DLY A C   1 
HETATM 78  O O   . DLY A 1 10 ? 0.586   5.712   -11.156 1.00 28.80 ? 10  DLY A O   1 
HETATM 79  C CB  . DLY A 1 10 ? -1.655  3.593   -12.260 1.00 32.64 ? 10  DLY A CB  1 
HETATM 80  C CG  . DLY A 1 10 ? -3.075  3.481   -12.818 1.00 30.01 ? 10  DLY A CG  1 
HETATM 81  C CD  . DLY A 1 10 ? -3.239  4.434   -13.973 1.00 36.50 ? 10  DLY A CD  1 
HETATM 82  C CE  . DLY A 1 10 ? -4.482  4.138   -14.784 1.00 36.15 ? 10  DLY A CE  1 
HETATM 83  N NZ  . DLY A 1 10 ? -4.831  5.372   -15.571 1.00 32.42 ? 10  DLY A NZ  1 
HETATM 84  N N   . DLE A 1 11 ? 0.163   4.205   -9.522  1.00 25.73 ? 11  DLE A N   1 
HETATM 85  C CA  . DLE A 1 11 ? 1.460   4.426   -8.851  1.00 25.22 ? 11  DLE A CA  1 
HETATM 86  C CB  . DLE A 1 11 ? 1.612   3.520   -7.630  1.00 29.40 ? 11  DLE A CB  1 
HETATM 87  C CG  . DLE A 1 11 ? 2.964   3.371   -6.939  1.00 32.22 ? 11  DLE A CG  1 
HETATM 88  C CD1 . DLE A 1 11 ? 2.785   2.353   -5.809  1.00 33.10 ? 11  DLE A CD1 1 
HETATM 89  C CD2 . DLE A 1 11 ? 4.035   2.909   -7.887  1.00 33.73 ? 11  DLE A CD2 1 
HETATM 90  C C   . DLE A 1 11 ? 1.551   5.851   -8.379  1.00 27.47 ? 11  DLE A C   1 
HETATM 91  O O   . DLE A 1 11 ? 2.554   6.550   -8.573  1.00 26.92 ? 11  DLE A O   1 
HETATM 92  N N   . DCY A 1 12 ? 0.476   6.302   -7.759  1.00 28.21 ? 12  DCY A N   1 
HETATM 93  C CA  . DCY A 1 12 ? 0.409   7.642   -7.263  1.00 26.08 ? 12  DCY A CA  1 
HETATM 94  C C   . DCY A 1 12 ? 0.440   8.657   -8.389  1.00 27.16 ? 12  DCY A C   1 
HETATM 95  O O   . DCY A 1 12 ? 1.074   9.698   -8.271  1.00 29.06 ? 12  DCY A O   1 
HETATM 96  C CB  . DCY A 1 12 ? -0.854  7.790   -6.400  1.00 27.42 ? 12  DCY A CB  1 
HETATM 97  S SG  . DCY A 1 12 ? -0.740  7.030   -4.745  1.00 30.03 ? 12  DCY A SG  1 
HETATM 98  N N   . DLY A 1 13 ? -0.251  8.379   -9.487  1.00 29.92 ? 13  DLY A N   1 
HETATM 99  C CA  . DLY A 1 13 ? -0.221  9.303   -10.613 1.00 30.49 ? 13  DLY A CA  1 
HETATM 100 C C   . DLY A 1 13 ? 1.201   9.453   -11.139 1.00 30.89 ? 13  DLY A C   1 
HETATM 101 O O   . DLY A 1 13 ? 1.664   10.572  -11.381 1.00 32.05 ? 13  DLY A O   1 
HETATM 102 C CB  . DLY A 1 13 ? -1.142  8.813   -11.724 1.00 29.71 ? 13  DLY A CB  1 
HETATM 103 C CG  . DLY A 1 13 ? -1.109  9.671   -12.993 1.00 32.23 ? 13  DLY A CG  1 
HETATM 104 C CD  . DLY A 1 13 ? -1.854  10.970  -12.858 1.00 40.78 ? 13  DLY A CD  1 
HETATM 105 C CE  . DLY A 1 13 ? -2.020  11.608  -14.243 1.00 43.05 ? 13  DLY A CE  1 
HETATM 106 N NZ  . DLY A 1 13 ? -2.501  13.021  -14.166 1.00 52.28 ? 13  DLY A NZ  1 
HETATM 107 N N   . DLE A 1 14 ? 1.896   8.322   -11.330 1.00 28.04 ? 14  DLE A N   1 
HETATM 108 C CA  . DLE A 1 14 ? 3.280   8.343   -11.784 1.00 27.61 ? 14  DLE A CA  1 
HETATM 109 C CB  . DLE A 1 14 ? 3.774   6.913   -12.005 1.00 31.22 ? 14  DLE A CB  1 
HETATM 110 C CG  . DLE A 1 14 ? 4.056   6.462   -13.425 1.00 34.38 ? 14  DLE A CG  1 
HETATM 111 C CD1 . DLE A 1 14 ? 4.087   4.941   -13.555 1.00 26.69 ? 14  DLE A CD1 1 
HETATM 112 C CD2 . DLE A 1 14 ? 3.392   7.260   -14.561 1.00 31.22 ? 14  DLE A CD2 1 
HETATM 113 C C   . DLE A 1 14 ? 4.228   9.104   -10.857 1.00 31.86 ? 14  DLE A C   1 
HETATM 114 O O   . DLE A 1 14 ? 5.099   9.839   -11.326 1.00 30.83 ? 14  DLE A O   1 
HETATM 115 N N   . DAL A 1 15 ? 4.080   8.912   -9.550  1.00 24.55 ? 15  DAL A N   1 
HETATM 116 C CA  . DAL A 1 15 ? 4.907   9.618   -8.591  1.00 26.35 ? 15  DAL A CA  1 
HETATM 117 C CB  . DAL A 1 15 ? 4.635   9.107   -7.163  1.00 28.20 ? 15  DAL A CB  1 
HETATM 118 C C   . DAL A 1 15 ? 4.686   11.115  -8.668  1.00 29.66 ? 15  DAL A C   1 
HETATM 119 O O   . DAL A 1 15 ? 5.622   11.907  -8.524  1.00 31.82 ? 15  DAL A O   1 
ATOM   120 N N   . GLY A 1 16 ? 3.437   11.505  -8.915  1.00 28.57 ? 16  GLY A N   1 
ATOM   121 C CA  . GLY A 1 16 ? 3.066   12.904  -8.986  1.00 32.75 ? 16  GLY A CA  1 
ATOM   122 C C   . GLY A 1 16 ? 3.533   13.566  -10.265 1.00 34.61 ? 16  GLY A C   1 
ATOM   123 O O   . GLY A 1 16 ? 3.818   12.862  -11.229 1.00 37.48 ? 16  GLY A O   1 
HETATM 124 N N   . DLE B 1 1  ? 5.536   2.314   11.172  1.00 46.57 ? 1   DLE C N   1 
HETATM 125 C CA  . DLE B 1 1  ? 5.775   1.213   10.241  1.00 44.13 ? 1   DLE C CA  1 
HETATM 126 C CB  . DLE B 1 1  ? 5.859   -0.143  10.975  1.00 52.81 ? 1   DLE C CB  1 
HETATM 127 C CG  . DLE B 1 1  ? 6.468   -0.395  12.371  1.00 54.94 ? 1   DLE C CG  1 
HETATM 128 C CD1 . DLE B 1 1  ? 5.819   0.389   13.522  1.00 54.73 ? 1   DLE C CD1 1 
HETATM 129 C CD2 . DLE B 1 1  ? 6.409   -1.894  12.693  1.00 57.42 ? 1   DLE C CD2 1 
HETATM 130 C C   . DLE B 1 1  ? 7.008   1.488   9.375   1.00 44.92 ? 1   DLE C C   1 
HETATM 131 O O   . DLE B 1 1  ? 6.991   1.283   8.149   1.00 42.87 ? 1   DLE C O   1 
HETATM 132 N N   . DLY B 1 2  ? 8.074   1.960   10.010  1.00 43.34 ? 2   DLY C N   1 
HETATM 133 C CA  . DLY B 1 2  ? 9.288   2.300   9.288   1.00 46.63 ? 2   DLY C CA  1 
HETATM 134 C C   . DLY B 1 2  ? 8.986   3.511   8.408   1.00 40.87 ? 2   DLY C C   1 
HETATM 135 O O   . DLY B 1 2  ? 9.475   3.616   7.272   1.00 42.77 ? 2   DLY C O   1 
HETATM 136 C CB  . DLY B 1 2  ? 10.407  2.641   10.269  1.00 48.51 ? 2   DLY C CB  1 
HETATM 137 C CG  . DLY B 1 2  ? 11.658  1.796   10.115  1.00 53.00 ? 2   DLY C CG  1 
HETATM 138 C CD  . DLY B 1 2  ? 11.486  0.422   10.726  1.00 56.85 ? 2   DLY C CD  1 
HETATM 139 C CE  . DLY B 1 2  ? 12.831  -0.278  10.882  1.00 59.86 ? 2   DLY C CE  1 
HETATM 140 N NZ  . DLY B 1 2  ? 12.869  -1.574  10.155  1.00 64.46 ? 2   DLY C NZ  1 
HETATM 141 N N   . DLY B 1 3  ? 8.162   4.415   8.935   1.00 41.89 ? 3   DLY C N   1 
HETATM 142 C CA  . DLY B 1 3  ? 7.723   5.605   8.207   1.00 42.07 ? 3   DLY C CA  1 
HETATM 143 C C   . DLY B 1 3  ? 6.911   5.239   6.968   1.00 38.46 ? 3   DLY C C   1 
HETATM 144 O O   . DLY B 1 3  ? 7.154   5.779   5.883   1.00 37.27 ? 3   DLY C O   1 
HETATM 145 C CB  . DLY B 1 3  ? 6.921   6.524   9.126   1.00 39.75 ? 3   DLY C CB  1 
HETATM 146 C CG  . DLY B 1 3  ? 7.767   7.164   10.219  1.00 45.18 ? 3   DLY C CG  1 
HETATM 147 C CD  . DLY B 1 3  ? 6.974   8.162   11.047  1.00 52.08 ? 3   DLY C CD  1 
HETATM 148 C CE  . DLY B 1 3  ? 7.650   8.414   12.390  1.00 56.89 ? 3   DLY C CE  1 
HETATM 149 N NZ  . DLY B 1 3  ? 6.937   9.434   13.203  1.00 58.04 ? 3   DLY C NZ  1 
HETATM 150 N N   . DLE B 1 4  ? 5.919   4.365   7.137   1.00 39.66 ? 4   DLE C N   1 
HETATM 151 C CA  . DLE B 1 4  ? 5.151   3.856   5.993   1.00 35.81 ? 4   DLE C CA  1 
HETATM 152 C CB  . DLE B 1 4  ? 4.004   2.932   6.453   1.00 38.65 ? 4   DLE C CB  1 
HETATM 153 C CG  . DLE B 1 4  ? 3.178   2.244   5.355   1.00 36.57 ? 4   DLE C CG  1 
HETATM 154 C CD1 . DLE B 1 4  ? 2.515   0.947   5.913   1.00 40.42 ? 4   DLE C CD1 1 
HETATM 155 C CD2 . DLE B 1 4  ? 2.209   3.181   4.633   1.00 35.68 ? 4   DLE C CD2 1 
HETATM 156 C C   . DLE B 1 4  ? 6.006   3.189   4.919   1.00 35.89 ? 4   DLE C C   1 
HETATM 157 O O   . DLE B 1 4  ? 5.850   3.476   3.734   1.00 34.97 ? 4   DLE C O   1 
HETATM 158 N N   . DCY B 1 5  ? 6.916   2.313   5.326   1.00 34.91 ? 5   DCY C N   1 
HETATM 159 C CA  . DCY B 1 5  ? 7.755   1.614   4.363   1.00 34.98 ? 5   DCY C CA  1 
HETATM 160 C C   . DCY B 1 5  ? 8.616   2.617   3.609   1.00 33.20 ? 5   DCY C C   1 
HETATM 161 O O   . DCY B 1 5  ? 8.814   2.468   2.406   1.00 31.38 ? 5   DCY C O   1 
HETATM 162 C CB  . DCY B 1 5  ? 8.607   0.542   5.030   1.00 36.69 ? 5   DCY C CB  1 
HETATM 163 S SG  . DCY B 1 5  ? 7.669   -0.975  5.337   1.00 36.40 ? 5   DCY C SG  1 
HETATM 164 N N   . DLY B 1 6  ? 9.090   3.643   4.318   1.00 33.14 ? 6   DLY C N   1 
HETATM 165 C CA  . DLY B 1 6  ? 9.851   4.738   3.694   1.00 33.76 ? 6   DLY C CA  1 
HETATM 166 C C   . DLY B 1 6  ? 9.002   5.470   2.655   1.00 33.51 ? 6   DLY C C   1 
HETATM 167 O O   . DLY B 1 6  ? 9.476   5.767   1.550   1.00 30.97 ? 6   DLY C O   1 
HETATM 168 C CB  . DLY B 1 6  ? 10.387  5.735   4.732   1.00 38.17 ? 6   DLY C CB  1 
HETATM 169 C CG  . DLY B 1 6  ? 11.904  5.934   4.657   1.00 44.84 ? 6   DLY C CG  1 
HETATM 170 C CD  . DLY B 1 6  ? 12.518  6.628   5.884   1.00 46.58 ? 6   DLY C CD  1 
HETATM 171 C CE  . DLY B 1 6  ? 12.294  5.906   7.182   1.00 46.67 ? 6   DLY C CE  1 
HETATM 172 N NZ  . DLY B 1 6  ? 12.809  6.734   8.321   1.00 50.32 ? 6   DLY C NZ  1 
HETATM 173 N N   . DLE B 1 7  ? 7.746   5.760   2.999   1.00 32.50 ? 7   DLE C N   1 
HETATM 174 C CA  . DLE B 1 7  ? 6.832   6.412   2.048   1.00 28.83 ? 7   DLE C CA  1 
HETATM 175 C CB  . DLE B 1 7  ? 5.500   6.695   2.721   1.00 33.93 ? 7   DLE C CB  1 
HETATM 176 C CG  . DLE B 1 7  ? 5.174   8.090   3.226   1.00 37.97 ? 7   DLE C CG  1 
HETATM 177 C CD1 . DLE B 1 7  ? 4.466   7.957   4.562   1.00 34.03 ? 7   DLE C CD1 1 
HETATM 178 C CD2 . DLE B 1 7  ? 6.341   9.071   3.271   1.00 35.37 ? 7   DLE C CD2 1 
HETATM 179 C C   . DLE B 1 7  ? 6.556   5.562   0.813   1.00 31.55 ? 7   DLE C C   1 
HETATM 180 O O   . DLE B 1 7  ? 6.480   6.092   -0.303  1.00 27.61 ? 7   DLE C O   1 
HETATM 181 N N   . DLE B 1 8  ? 6.350   4.263   1.014   1.00 31.10 ? 8   DLE C N   1 
HETATM 182 C CA  . DLE B 1 8  ? 6.151   3.346   -0.117  1.00 31.36 ? 8   DLE C CA  1 
HETATM 183 C CB  . DLE B 1 8  ? 5.870   1.927   0.379   1.00 30.65 ? 8   DLE C CB  1 
HETATM 184 C CG  . DLE B 1 8  ? 4.445   1.383   0.548   1.00 38.45 ? 8   DLE C CG  1 
HETATM 185 C CD1 . DLE B 1 8  ? 4.288   0.629   1.853   1.00 35.47 ? 8   DLE C CD1 1 
HETATM 186 C CD2 . DLE B 1 8  ? 3.361   2.434   0.348   1.00 31.20 ? 8   DLE C CD2 1 
HETATM 187 C C   . DLE B 1 8  ? 7.374   3.346   -1.023  1.00 29.02 ? 8   DLE C C   1 
HETATM 188 O O   . DLE B 1 8  ? 7.259   3.313   -2.249  1.00 27.41 ? 8   DLE C O   1 
HETATM 189 N N   . DLY B 1 9  ? 8.557   3.398   -0.417  1.00 30.20 ? 9   DLY C N   1 
HETATM 190 C CA  . DLY B 1 9  ? 9.804   3.420   -1.177  1.00 27.22 ? 9   DLY C CA  1 
HETATM 191 C C   . DLY B 1 9  ? 9.864   4.640   -2.068  1.00 29.55 ? 9   DLY C C   1 
HETATM 192 O O   . DLY B 1 9  ? 10.187  4.564   -3.276  1.00 28.34 ? 9   DLY C O   1 
HETATM 193 C CB  . DLY B 1 9  ? 10.991  3.397   -0.214  1.00 30.56 ? 9   DLY C CB  1 
HETATM 194 C CG  . DLY B 1 9  ? 12.358  3.525   -0.863  1.00 33.69 ? 9   DLY C CG  1 
HETATM 195 C CD  . DLY B 1 9  ? 13.438  3.845   0.188   1.00 37.81 ? 9   DLY C CD  1 
HETATM 196 C CE  . DLY B 1 9  ? 13.101  5.045   1.061   1.00 42.05 ? 9   DLY C CE  1 
HETATM 197 N NZ  . DLY B 1 9  ? 14.319  5.567   1.775   1.00 46.40 ? 9   DLY C NZ  1 
HETATM 198 N N   . DLY B 1 10 ? 9.486   5.758   -1.476  1.00 28.95 ? 10  DLY C N   1 
HETATM 199 C CA  . DLY B 1 10 ? 9.589   7.029   -2.133  1.00 26.21 ? 10  DLY C CA  1 
HETATM 200 C C   . DLY B 1 10 ? 8.572   7.118   -3.264  1.00 25.23 ? 10  DLY C C   1 
HETATM 201 O O   . DLY B 1 10 ? 8.900   7.617   -4.333  1.00 26.69 ? 10  DLY C O   1 
HETATM 202 C CB  . DLY B 1 10 ? 9.396   8.136   -1.099  1.00 28.08 ? 10  DLY C CB  1 
HETATM 203 C CG  . DLY B 1 10 ? 10.665  8.428   -0.287  1.00 27.89 ? 10  DLY C CG  1 
HETATM 204 C CD  . DLY B 1 10 ? 10.452  9.619   0.617   1.00 32.51 ? 10  DLY C CD  1 
HETATM 205 C CE  . DLY B 1 10 ? 11.457  9.684   1.725   1.00 29.69 ? 10  DLY C CE  1 
HETATM 206 N NZ  . DLY B 1 10 ? 12.713  10.242  1.222   1.00 31.62 ? 10  DLY C NZ  1 
HETATM 207 N N   . DLE B 1 11 ? 7.388   6.525   -3.067  1.00 27.73 ? 11  DLE C N   1 
HETATM 208 C CA  . DLE B 1 11 ? 6.343   6.534   -4.089  1.00 24.37 ? 11  DLE C CA  1 
HETATM 209 C CB  . DLE B 1 11 ? 5.062   5.924   -3.512  1.00 27.16 ? 11  DLE C CB  1 
HETATM 210 C CG  . DLE B 1 11 ? 3.691   6.227   -4.108  1.00 36.14 ? 11  DLE C CG  1 
HETATM 211 C CD1 . DLE B 1 11 ? 2.690   5.550   -3.226  1.00 39.06 ? 11  DLE C CD1 1 
HETATM 212 C CD2 . DLE B 1 11 ? 3.446   7.723   -4.046  1.00 34.99 ? 11  DLE C CD2 1 
HETATM 213 C C   . DLE B 1 11 ? 6.795   5.681   -5.268  1.00 25.97 ? 11  DLE C C   1 
HETATM 214 O O   . DLE B 1 11 ? 6.691   6.095   -6.440  1.00 26.56 ? 11  DLE C O   1 
HETATM 215 N N   . DCY B 1 12 ? 7.337   4.511   -4.964  1.00 25.02 ? 12  DCY C N   1 
HETATM 216 C CA  . DCY B 1 12 ? 7.866   3.642   -6.010  1.00 26.81 ? 12  DCY C CA  1 
HETATM 217 C C   . DCY B 1 12 ? 9.076   4.269   -6.718  1.00 27.42 ? 12  DCY C C   1 
HETATM 218 O O   . DCY B 1 12 ? 9.210   4.153   -7.942  1.00 28.09 ? 12  DCY C O   1 
HETATM 219 C CB  . DCY B 1 12 ? 8.190   2.272   -5.422  1.00 26.72 ? 12  DCY C CB  1 
HETATM 220 S SG  . DCY B 1 12 ? 6.675   1.366   -5.070  1.00 29.32 ? 12  DCY C SG  1 
HETATM 221 N N   . DLY B 1 13 ? 9.927   4.987   -5.978  1.00 25.83 ? 13  DLY C N   1 
HETATM 222 C CA  . DLY B 1 13 ? 11.115  5.608   -6.589  1.00 25.96 ? 13  DLY C CA  1 
HETATM 223 C C   . DLY B 1 13 ? 10.685  6.687   -7.607  1.00 26.79 ? 13  DLY C C   1 
HETATM 224 O O   . DLY B 1 13 ? 11.214  6.742   -8.725  1.00 28.75 ? 13  DLY C O   1 
HETATM 225 C CB  . DLY B 1 13 ? 11.987  6.242   -5.496  1.00 29.26 ? 13  DLY C CB  1 
HETATM 226 C CG  . DLY B 1 13 ? 13.381  6.717   -5.934  1.00 35.48 ? 13  DLY C CG  1 
HETATM 227 C CD  . DLY B 1 13 ? 14.269  6.990   -4.701  1.00 36.02 ? 13  DLY C CD  1 
HETATM 228 C CE  . DLY B 1 13 ? 15.754  6.692   -4.959  1.00 45.07 ? 13  DLY C CE  1 
HETATM 229 N NZ  . DLY B 1 13 ? 16.235  7.335   -6.213  1.00 45.57 ? 13  DLY C NZ  1 
HETATM 230 N N   . DLE B 1 14 ? 9.752   7.551   -7.214  1.00 26.05 ? 14  DLE C N   1 
HETATM 231 C CA  . DLE B 1 14 ? 9.231   8.601   -8.109  1.00 25.19 ? 14  DLE C CA  1 
HETATM 232 C CB  . DLE B 1 14 ? 8.274   9.504   -7.338  1.00 27.60 ? 14  DLE C CB  1 
HETATM 233 C CG  . DLE B 1 14 ? 8.836   10.827  -6.835  1.00 35.09 ? 14  DLE C CG  1 
HETATM 234 C CD1 . DLE B 1 14 ? 8.030   11.437  -5.654  1.00 30.38 ? 14  DLE C CD1 1 
HETATM 235 C CD2 . DLE B 1 14 ? 10.342  10.908  -6.757  1.00 33.04 ? 14  DLE C CD2 1 
HETATM 236 C C   . DLE B 1 14 ? 8.523   8.008   -9.319  1.00 27.73 ? 14  DLE C C   1 
HETATM 237 O O   . DLE B 1 14 ? 8.717   8.457   -10.478 1.00 29.42 ? 14  DLE C O   1 
HETATM 238 N N   . DAL B 1 15 ? 7.711   7.001   -9.054  1.00 26.16 ? 15  DAL C N   1 
HETATM 239 C CA  . DAL B 1 15 ? 6.997   6.308   -10.116 1.00 25.76 ? 15  DAL C CA  1 
HETATM 240 C CB  . DAL B 1 15 ? 6.098   5.214   -9.522  1.00 26.69 ? 15  DAL C CB  1 
HETATM 241 C C   . DAL B 1 15 ? 7.953   5.732   -11.157 1.00 33.20 ? 15  DAL C C   1 
HETATM 242 O O   . DAL B 1 15 ? 7.674   5.794   -12.344 1.00 32.30 ? 15  DAL C O   1 
ATOM   243 N N   . GLY B 1 16 ? 9.075   5.191   -10.713 1.00 27.73 ? 16  GLY C N   1 
ATOM   244 C CA  . GLY B 1 16 ? 10.015  4.570   -11.624 1.00 31.89 ? 16  GLY C CA  1 
ATOM   245 C C   . GLY B 1 16 ? 10.785  5.556   -12.468 1.00 37.28 ? 16  GLY C C   1 
ATOM   246 O O   . GLY B 1 16 ? 11.289  5.182   -13.534 1.00 35.94 ? 16  GLY C O   1 
HETATM 247 N N   . DLE C 1 1  ? 3.776   11.739  0.870   1.00 32.71 ? 1   DLE B N   1 
HETATM 248 C CA  . DLE C 1 1  ? 3.361   10.927  -0.260  1.00 31.10 ? 1   DLE B CA  1 
HETATM 249 C CB  . DLE C 1 1  ? 4.326   11.137  -1.446  1.00 32.95 ? 1   DLE B CB  1 
HETATM 250 C CG  . DLE C 1 1  ? 5.620   10.307  -1.534  1.00 38.08 ? 1   DLE B CG  1 
HETATM 251 C CD1 . DLE C 1 1  ? 6.719   11.018  -2.362  1.00 33.21 ? 1   DLE B CD1 1 
HETATM 252 C CD2 . DLE C 1 1  ? 6.163   9.866   -0.190  1.00 36.48 ? 1   DLE B CD2 1 
HETATM 253 C C   . DLE C 1 1  ? 1.942   11.291  -0.712  1.00 32.18 ? 1   DLE B C   1 
HETATM 254 O O   . DLE C 1 1  ? 1.143   10.403  -1.092  1.00 32.92 ? 1   DLE B O   1 
HETATM 255 N N   . DLY C 1 2  ? 1.645   12.590  -0.765  1.00 35.00 ? 2   DLY B N   1 
HETATM 256 C CA  . DLY C 1 2  ? 0.302   13.016  -1.186  1.00 33.00 ? 2   DLY B CA  1 
HETATM 257 C C   . DLY C 1 2  ? -0.738  12.659  -0.131  1.00 34.55 ? 2   DLY B C   1 
HETATM 258 O O   . DLY C 1 2  ? -1.841  12.231  -0.471  1.00 37.07 ? 2   DLY B O   1 
HETATM 259 C CB  . DLY C 1 2  ? 0.266   14.495  -1.599  1.00 38.07 ? 2   DLY B CB  1 
HETATM 260 C CG  . DLY C 1 2  ? 0.934   14.734  -2.961  1.00 40.65 ? 2   DLY B CG  1 
HETATM 261 C CD  . DLY C 1 2  ? 1.094   16.208  -3.320  1.00 46.59 ? 2   DLY B CD  1 
HETATM 262 C CE  . DLY C 1 2  ? 1.443   16.409  -4.788  1.00 45.38 ? 2   DLY B CE  1 
HETATM 263 N NZ  . DLY C 1 2  ? 1.087   15.258  -5.659  1.00 46.66 ? 2   DLY B NZ  1 
HETATM 264 N N   . DLY C 1 3  ? -0.383  12.817  1.141   1.00 36.96 ? 3   DLY B N   1 
HETATM 265 C CA  . DLY C 1 3  ? -1.273  12.367  2.221   1.00 37.28 ? 3   DLY B CA  1 
HETATM 266 C C   . DLY C 1 3  ? -1.487  10.869  2.112   1.00 36.04 ? 3   DLY B C   1 
HETATM 267 O O   . DLY C 1 3  ? -2.607  10.394  2.214   1.00 35.41 ? 3   DLY B O   1 
HETATM 268 C CB  . DLY C 1 3  ? -0.713  12.686  3.613   1.00 40.23 ? 3   DLY B CB  1 
HETATM 269 C CG  . DLY C 1 3  ? -1.255  13.973  4.244   1.00 47.27 ? 3   DLY B CG  1 
HETATM 270 C CD  . DLY C 1 3  ? -0.787  14.122  5.693   1.00 49.28 ? 3   DLY B CD  1 
HETATM 271 C CE  . DLY C 1 3  ? -0.901  15.559  6.188   1.00 52.73 ? 3   DLY B CE  1 
HETATM 272 N NZ  . DLY C 1 3  ? -0.506  15.675  7.622   1.00 58.07 ? 3   DLY B NZ  1 
HETATM 273 N N   . DLE C 1 4  ? -0.411  10.107  1.938   1.00 33.33 ? 4   DLE B N   1 
HETATM 274 C CA  . DLE C 1 4  ? -0.548  8.673   1.726   1.00 31.63 ? 4   DLE B CA  1 
HETATM 275 C CB  . DLE C 1 4  ? 0.818   7.996   1.552   1.00 30.32 ? 4   DLE B CB  1 
HETATM 276 C CG  . DLE C 1 4  ? 0.773   6.474   1.367   1.00 30.79 ? 4   DLE B CG  1 
HETATM 277 C CD1 . DLE C 1 4  ? 2.174   5.916   1.212   1.00 31.44 ? 4   DLE B CD1 1 
HETATM 278 C CD2 . DLE C 1 4  ? -0.001  5.766   2.507   1.00 32.60 ? 4   DLE B CD2 1 
HETATM 279 C C   . DLE C 1 4  ? -1.438  8.334   0.534   1.00 34.17 ? 4   DLE B C   1 
HETATM 280 O O   . DLE C 1 4  ? -2.310  7.473   0.623   1.00 33.73 ? 4   DLE B O   1 
HETATM 281 N N   . DCY C 1 5  ? -1.215  8.997   -0.592  1.00 29.98 ? 5   DCY B N   1 
HETATM 282 C CA  . DCY C 1 5  ? -2.009  8.699   -1.764  1.00 29.86 ? 5   DCY B CA  1 
HETATM 283 C C   . DCY C 1 5  ? -3.467  9.043   -1.536  1.00 35.27 ? 5   DCY B C   1 
HETATM 284 O O   . DCY C 1 5  ? -4.339  8.319   -1.979  1.00 32.94 ? 5   DCY B O   1 
HETATM 285 C CB  . DCY C 1 5  ? -1.467  9.412   -2.984  1.00 30.51 ? 5   DCY B CB  1 
HETATM 286 S SG  . DCY C 1 5  ? 0.005   8.527   -3.620  1.00 29.82 ? 5   DCY B SG  1 
HETATM 287 N N   . DLY C 1 6  ? -3.701  10.130  -0.807  1.00 34.67 ? 6   DLY B N   1 
HETATM 288 C CA  . DLY C 1 6  ? -5.052  10.562  -0.459  1.00 36.53 ? 6   DLY B CA  1 
HETATM 289 C C   . DLY C 1 6  ? -5.733  9.518   0.412   1.00 37.24 ? 6   DLY B C   1 
HETATM 290 O O   . DLY C 1 6  ? -6.939  9.265   0.276   1.00 39.15 ? 6   DLY B O   1 
HETATM 291 C CB  . DLY C 1 6  ? -4.976  11.861  0.332   1.00 38.17 ? 6   DLY B CB  1 
HETATM 292 C CG  . DLY C 1 6  ? -5.662  13.053  -0.268  1.00 43.17 ? 6   DLY B CG  1 
HETATM 293 C CD  . DLY C 1 6  ? -5.123  14.317  0.396   1.00 44.90 ? 6   DLY B CD  1 
HETATM 294 C CE  . DLY C 1 6  ? -4.920  15.469  -0.576  1.00 48.32 ? 6   DLY B CE  1 
HETATM 295 N NZ  . DLY C 1 6  ? -4.357  16.661  0.121   1.00 52.17 ? 6   DLY B NZ  1 
HETATM 296 N N   . DLE C 1 7  ? -4.976  8.915   1.323   1.00 35.67 ? 7   DLE B N   1 
HETATM 297 C CA  . DLE C 1 7  ? -5.531  7.898   2.215   1.00 36.52 ? 7   DLE B CA  1 
HETATM 298 C CB  . DLE C 1 7  ? -4.521  7.568   3.317   1.00 37.81 ? 7   DLE B CB  1 
HETATM 299 C CG  . DLE C 1 7  ? -4.654  8.216   4.704   1.00 42.49 ? 7   DLE B CG  1 
HETATM 300 C CD1 . DLE C 1 7  ? -3.267  8.598   5.209   1.00 39.38 ? 7   DLE B CD1 1 
HETATM 301 C CD2 . DLE C 1 7  ? -5.641  9.391   4.785   1.00 43.97 ? 7   DLE B CD2 1 
HETATM 302 C C   . DLE C 1 7  ? -5.910  6.636   1.454   1.00 38.90 ? 7   DLE B C   1 
HETATM 303 O O   . DLE C 1 7  ? -6.973  6.058   1.665   1.00 38.33 ? 7   DLE B O   1 
HETATM 304 N N   . DLE C 1 8  ? -5.024  6.182   0.572   1.00 30.82 ? 8   DLE B N   1 
HETATM 305 C CA  . DLE C 1 8  ? -5.338  5.037   -0.256  1.00 36.24 ? 8   DLE B CA  1 
HETATM 306 C CB  . DLE C 1 8  ? -4.168  4.735   -1.216  1.00 34.32 ? 8   DLE B CB  1 
HETATM 307 C CG  . DLE C 1 8  ? -3.053  3.706   -1.001  1.00 39.14 ? 8   DLE B CG  1 
HETATM 308 C CD1 . DLE C 1 8  ? -1.649  4.268   -1.413  1.00 31.98 ? 8   DLE B CD1 1 
HETATM 309 C CD2 . DLE C 1 8  ? -3.080  3.017   0.373   1.00 36.12 ? 8   DLE B CD2 1 
HETATM 310 C C   . DLE C 1 8  ? -6.584  5.301   -1.098  1.00 34.58 ? 8   DLE B C   1 
HETATM 311 O O   . DLE C 1 8  ? -7.375  4.395   -1.352  1.00 38.76 ? 8   DLE B O   1 
HETATM 312 N N   . DLY C 1 9  ? -6.737  6.533   -1.563  1.00 36.59 ? 9   DLY B N   1 
HETATM 313 C CA  . DLY C 1 9  ? -7.848  6.887   -2.427  1.00 34.88 ? 9   DLY B CA  1 
HETATM 314 C C   . DLY C 1 9  ? -9.144  6.723   -1.654  1.00 41.67 ? 9   DLY B C   1 
HETATM 315 O O   . DLY C 1 9  ? -10.091 6.077   -2.130  1.00 42.59 ? 9   DLY B O   1 
HETATM 316 C CB  . DLY C 1 9  ? -7.699  8.329   -2.870  1.00 38.36 ? 9   DLY B CB  1 
HETATM 317 C CG  . DLY C 1 9  ? -8.097  8.602   -4.303  1.00 47.71 ? 9   DLY B CG  1 
HETATM 318 C CD  . DLY C 1 9  ? -9.242  9.579   -4.376  1.00 49.75 ? 9   DLY B CD  1 
HETATM 319 C CE  . DLY C 1 9  ? -8.780  11.013  -4.212  1.00 52.57 ? 9   DLY B CE  1 
HETATM 320 N NZ  . DLY C 1 9  ? -9.910  11.912  -3.858  1.00 57.25 ? 9   DLY B NZ  1 
HETATM 321 N N   . DLY C 1 10 ? -9.162  7.299   -0.456  1.00 39.85 ? 10  DLY B N   1 
HETATM 322 C CA  . DLY C 1 10 ? -10.354 7.342   0.393   1.00 41.76 ? 10  DLY B CA  1 
HETATM 323 C C   . DLY C 1 10 ? -10.695 5.926   0.837   1.00 43.38 ? 10  DLY B C   1 
HETATM 324 O O   . DLY C 1 10 ? -11.863 5.534   0.897   1.00 46.22 ? 10  DLY B O   1 
HETATM 325 C CB  . DLY C 1 10 ? -10.064 8.202   1.624   1.00 41.29 ? 10  DLY B CB  1 
HETATM 326 C CG  . DLY C 1 10 ? -10.287 9.694   1.451   1.00 46.16 ? 10  DLY B CG  1 
HETATM 327 C CD  . DLY C 1 10 ? -10.753 10.070  0.051   1.00 48.50 ? 10  DLY B CD  1 
HETATM 328 C CE  . DLY C 1 10 ? -11.386 11.448  0.048   1.00 52.77 ? 10  DLY B CE  1 
HETATM 329 N NZ  . DLY C 1 10 ? -10.551 12.413  0.823   1.00 52.88 ? 10  DLY B NZ  1 
HETATM 330 N N   . DLE C 1 11 ? -9.654  5.162   1.146   1.00 41.61 ? 11  DLE B N   1 
HETATM 331 C CA  . DLE C 1 11 ? -9.791  3.773   1.539   1.00 43.58 ? 11  DLE B CA  1 
HETATM 332 C CB  . DLE C 1 11 ? -8.413  3.223   1.900   1.00 45.88 ? 11  DLE B CB  1 
HETATM 333 C CG  . DLE C 1 11 ? -8.282  1.968   2.742   1.00 48.77 ? 11  DLE B CG  1 
HETATM 334 C CD1 . DLE C 1 11 ? -6.825  1.769   3.103   1.00 45.65 ? 11  DLE B CD1 1 
HETATM 335 C CD2 . DLE C 1 11 ? -9.110  2.138   3.985   1.00 49.11 ? 11  DLE B CD2 1 
HETATM 336 C C   . DLE C 1 11 ? -10.423 2.964   0.405   1.00 46.00 ? 11  DLE B C   1 
HETATM 337 O O   . DLE C 1 11 ? -11.289 2.114   0.635   1.00 47.00 ? 11  DLE B O   1 
HETATM 338 N N   . DCY C 1 12 ? -9.993  3.232   -0.825  1.00 40.41 ? 12  DCY B N   1 
HETATM 339 C CA  . DCY C 1 12 ? -10.560 2.536   -1.965  1.00 42.88 ? 12  DCY B CA  1 
HETATM 340 C C   . DCY C 1 12 ? -11.967 3.037   -2.222  1.00 45.80 ? 12  DCY B C   1 
HETATM 341 O O   . DCY C 1 12 ? -12.837 2.268   -2.624  1.00 46.76 ? 12  DCY B O   1 
HETATM 342 C CB  . DCY C 1 12 ? -9.694  2.712   -3.209  1.00 42.57 ? 12  DCY B CB  1 
HETATM 343 S SG  . DCY C 1 12 ? -8.186  1.697   -3.199  1.00 39.05 ? 12  DCY B SG  1 
HETATM 344 N N   . DLY C 1 13 ? -12.181 4.323   -1.980  1.00 44.57 ? 13  DLY B N   1 
HETATM 345 C CA  . DLY C 1 13 ? -13.488 4.926   -2.178  1.00 47.47 ? 13  DLY B CA  1 
HETATM 346 C C   . DLY C 1 13 ? -14.474 4.327   -1.183  1.00 49.59 ? 13  DLY B C   1 
HETATM 347 O O   . DLY C 1 13 ? -15.634 4.090   -1.516  1.00 51.90 ? 13  DLY B O   1 
HETATM 348 C CB  . DLY C 1 13 ? -13.422 6.430   -1.947  1.00 48.46 ? 13  DLY B CB  1 
HETATM 349 C CG  . DLY C 1 13 ? -14.735 7.147   -2.191  1.00 51.22 ? 13  DLY B CG  1 
HETATM 350 C CD  . DLY C 1 13 ? -14.513 8.642   -2.324  1.00 54.62 ? 13  DLY B CD  1 
HETATM 351 C CE  . DLY C 1 13 ? -13.275 8.947   -3.159  1.00 61.45 ? 13  DLY B CE  1 
HETATM 352 N NZ  . DLY C 1 13 ? -12.872 10.384  -3.059  1.00 65.61 ? 13  DLY B NZ  1 
HETATM 353 N N   . DLE C 1 14 ? -13.999 4.089   0.038   1.00 50.04 ? 14  DLE B N   1 
HETATM 354 C CA  . DLE C 1 14 ? -14.832 3.547   1.110   1.00 50.18 ? 14  DLE B CA  1 
HETATM 355 C CB  . DLE C 1 14 ? -14.077 3.606   2.435   1.00 51.85 ? 14  DLE B CB  1 
HETATM 356 C CG  . DLE C 1 14 ? -14.356 4.844   3.278   1.00 50.41 ? 14  DLE B CG  1 
HETATM 357 C CD1 . DLE C 1 14 ? -15.864 5.098   3.373   1.00 52.16 ? 14  DLE B CD1 1 
HETATM 358 C CD2 . DLE C 1 14 ? -13.729 4.700   4.663   1.00 51.04 ? 14  DLE B CD2 1 
HETATM 359 C C   . DLE C 1 14 ? -15.212 2.111   0.810   1.00 52.72 ? 14  DLE B C   1 
HETATM 360 O O   . DLE C 1 14 ? -16.321 1.668   1.116   1.00 54.86 ? 14  DLE B O   1 
HETATM 361 N N   . DAL C 1 15 ? -14.283 1.377   0.213   1.00 51.34 ? 15  DAL B N   1 
HETATM 362 C CA  . DAL C 1 15 ? -14.547 -0.008  -0.149  1.00 55.25 ? 15  DAL B CA  1 
HETATM 363 C CB  . DAL C 1 15 ? -13.246 -0.775  -0.302  1.00 52.34 ? 15  DAL B CB  1 
HETATM 364 C C   . DAL C 1 15 ? -15.371 -0.078  -1.430  1.00 53.65 ? 15  DAL B C   1 
HETATM 365 O O   . DAL C 1 15 ? -15.708 -1.160  -1.907  1.00 54.72 ? 15  DAL B O   1 
HETATM 366 N N   . DLE D 1 1  ? 3.403   0.361   -11.245 1.00 38.48 ? 1   DLE D N   1 
HETATM 367 C CA  . DLE D 1 1  ? 3.452   -1.090  -11.297 1.00 40.51 ? 1   DLE D CA  1 
HETATM 368 C CB  . DLE D 1 1  ? 2.109   -1.695  -10.945 1.00 43.81 ? 1   DLE D CB  1 
HETATM 369 C CG  . DLE D 1 1  ? 1.914   -3.065  -11.579 1.00 42.13 ? 1   DLE D CG  1 
HETATM 370 C CD1 . DLE D 1 1  ? 2.707   -3.249  -12.863 1.00 48.03 ? 1   DLE D CD1 1 
HETATM 371 C CD2 . DLE D 1 1  ? 2.320   -4.029  -10.560 1.00 33.74 ? 1   DLE D CD2 1 
HETATM 372 C C   . DLE D 1 1  ? 4.648   -1.719  -10.551 1.00 35.38 ? 1   DLE D C   1 
HETATM 373 O O   . DLE D 1 1  ? 4.810   -1.658  -9.314  1.00 35.36 ? 1   DLE D O   1 
HETATM 374 N N   . DLY D 1 2  ? 5.485   -2.333  -11.366 1.00 37.33 ? 2   DLY D N   1 
HETATM 375 C CA  . DLY D 1 2  ? 6.759   -2.877  -10.953 1.00 36.75 ? 2   DLY D CA  1 
HETATM 376 C C   . DLY D 1 2  ? 6.581   -4.048  -10.003 1.00 37.83 ? 2   DLY D C   1 
HETATM 377 O O   . DLY D 1 2  ? 7.238   -4.113  -8.962  1.00 35.59 ? 2   DLY D O   1 
HETATM 378 C CB  . DLY D 1 2  ? 7.464   -3.348  -12.226 1.00 37.55 ? 2   DLY D CB  1 
HETATM 379 C CG  . DLY D 1 2  ? 7.761   -2.205  -13.187 1.00 41.12 ? 2   DLY D CG  1 
HETATM 380 C CD  . DLY D 1 2  ? 9.215   -2.048  -13.556 1.00 39.62 ? 2   DLY D CD  1 
HETATM 381 C CE  . DLY D 1 2  ? 9.444   -0.712  -14.258 1.00 41.33 ? 2   DLY D CE  1 
HETATM 382 N NZ  . DLY D 1 2  ? 9.662   0.403   -13.307 1.00 37.62 ? 2   DLY D NZ  1 
HETATM 383 N N   . DLY D 1 3  ? 5.688   -4.966  -10.373 1.00 34.41 ? 3   DLY D N   1 
HETATM 384 C CA  . DLY D 1 3  ? 5.364   -6.133  -9.554  1.00 39.47 ? 3   DLY D CA  1 
HETATM 385 C C   . DLY D 1 3  ? 4.907   -5.703  -8.164  1.00 36.20 ? 3   DLY D C   1 
HETATM 386 O O   . DLY D 1 3  ? 5.383   -6.214  -7.140  1.00 32.85 ? 3   DLY D O   1 
HETATM 387 C CB  . DLY D 1 3  ? 4.249   -6.938  -10.233 1.00 40.69 ? 3   DLY D CB  1 
HETATM 388 C CG  . DLY D 1 3  ? 4.732   -8.046  -11.152 1.00 47.33 ? 3   DLY D CG  1 
HETATM 389 C CD  . DLY D 1 3  ? 5.240   -7.469  -12.472 1.00 49.63 ? 3   DLY D CD  1 
HETATM 390 C CE  . DLY D 1 3  ? 4.677   -8.222  -13.675 1.00 55.94 ? 3   DLY D CE  1 
HETATM 391 N NZ  . DLY D 1 3  ? 3.213   -8.003  -13.832 1.00 59.57 ? 3   DLY D NZ  1 
HETATM 392 N N   . DLE D 1 4  ? 3.983   -4.751  -8.123  1.00 34.53 ? 4   DLE D N   1 
HETATM 393 C CA  . DLE D 1 4  ? 3.491   -4.223  -6.859  1.00 32.13 ? 4   DLE D CA  1 
HETATM 394 C CB  . DLE D 1 4  ? 2.370   -3.207  -7.096  1.00 35.54 ? 4   DLE D CB  1 
HETATM 395 C CG  . DLE D 1 4  ? 1.749   -2.581  -5.858  1.00 30.62 ? 4   DLE D CG  1 
HETATM 396 C CD1 . DLE D 1 4  ? 0.678   -1.533  -6.281  1.00 33.12 ? 4   DLE D CD1 1 
HETATM 397 C CD2 . DLE D 1 4  ? 1.190   -3.620  -4.880  1.00 34.93 ? 4   DLE D CD2 1 
HETATM 398 C C   . DLE D 1 4  ? 4.572   -3.610  -5.997  1.00 33.87 ? 4   DLE D C   1 
HETATM 399 O O   . DLE D 1 4  ? 4.628   -3.847  -4.790  1.00 33.74 ? 4   DLE D O   1 
HETATM 400 N N   . DCY D 1 5  ? 5.442   -2.813  -6.603  1.00 30.43 ? 5   DCY D N   1 
HETATM 401 C CA  . DCY D 1 5  ? 6.470   -2.174  -5.812  1.00 28.39 ? 5   DCY D CA  1 
HETATM 402 C C   . DCY D 1 5  ? 7.434   -3.216  -5.291  1.00 31.70 ? 5   DCY D C   1 
HETATM 403 O O   . DCY D 1 5  ? 7.938   -3.079  -4.181  1.00 32.65 ? 5   DCY D O   1 
HETATM 404 C CB  . DCY D 1 5  ? 7.214   -1.124  -6.617  1.00 29.60 ? 5   DCY D CB  1 
HETATM 405 S SG  . DCY D 1 5  ? 6.256   0.405   -6.796  1.00 31.02 ? 5   DCY D SG  1 
HETATM 406 N N   . DLY D 1 6  ? 7.688   -4.250  -6.080  1.00 34.34 ? 6   DLY D N   1 
HETATM 407 C CA  . DLY D 1 6  ? 8.561   -5.330  -5.606  1.00 34.67 ? 6   DLY D CA  1 
HETATM 408 C C   . DLY D 1 6  ? 7.926   -6.066  -4.429  1.00 34.56 ? 6   DLY D C   1 
HETATM 409 O O   . DLY D 1 6  ? 8.608   -6.380  -3.447  1.00 38.00 ? 6   DLY D O   1 
HETATM 410 C CB  . DLY D 1 6  ? 8.923   -6.296  -6.732  1.00 37.68 ? 6   DLY D CB  1 
HETATM 411 C CG  . DLY D 1 6  ? 9.908   -5.717  -7.740  1.00 43.09 ? 6   DLY D CG  1 
HETATM 412 C CD  . DLY D 1 6  ? 9.893   -6.513  -9.030  1.00 47.18 ? 6   DLY D CD  1 
HETATM 413 C CE  . DLY D 1 6  ? 10.886  -5.965  -10.031 1.00 51.55 ? 6   DLY D CE  1 
HETATM 414 N NZ  . DLY D 1 6  ? 11.120  -6.918  -11.154 1.00 56.96 ? 6   DLY D NZ  1 
HETATM 415 N N   . DLE D 1 7  ? 6.626   -6.350  -4.535  1.00 33.53 ? 7   DLE D N   1 
HETATM 416 C CA  . DLE D 1 7  ? 5.878   -6.961  -3.438  1.00 35.64 ? 7   DLE D CA  1 
HETATM 417 C CB  . DLE D 1 7  ? 4.431   -7.221  -3.859  1.00 35.45 ? 7   DLE D CB  1 
HETATM 418 C CG  . DLE D 1 7  ? 3.956   -8.626  -4.249  1.00 42.74 ? 7   DLE D CG  1 
HETATM 419 C CD1 . DLE D 1 7  ? 3.030   -8.583  -5.461  1.00 39.66 ? 7   DLE D CD1 1 
HETATM 420 C CD2 . DLE D 1 7  ? 5.081   -9.636  -4.403  1.00 39.15 ? 7   DLE D CD2 1 
HETATM 421 C C   . DLE D 1 7  ? 5.903   -6.091  -2.176  1.00 36.81 ? 7   DLE D C   1 
HETATM 422 O O   . DLE D 1 7  ? 6.054   -6.597  -1.059  1.00 37.03 ? 7   DLE D O   1 
HETATM 423 N N   . DLE D 1 8  ? 5.752   -4.780  -2.346  1.00 32.63 ? 8   DLE D N   1 
HETATM 424 C CA  . DLE D 1 8  ? 5.840   -3.868  -1.212  1.00 32.96 ? 8   DLE D CA  1 
HETATM 425 C CB  . DLE D 1 8  ? 5.485   -2.440  -1.650  1.00 32.90 ? 8   DLE D CB  1 
HETATM 426 C CG  . DLE D 1 8  ? 4.068   -1.882  -1.482  1.00 38.05 ? 8   DLE D CG  1 
HETATM 427 C CD1 . DLE D 1 8  ? 3.621   -1.107  -2.744  1.00 33.83 ? 8   DLE D CD1 1 
HETATM 428 C CD2 . DLE D 1 8  ? 3.044   -2.912  -1.007  1.00 38.24 ? 8   DLE D CD2 1 
HETATM 429 C C   . DLE D 1 8  ? 7.227   -3.864  -0.556  1.00 37.23 ? 8   DLE D C   1 
HETATM 430 O O   . DLE D 1 8  ? 7.334   -3.751  0.668   1.00 39.03 ? 8   DLE D O   1 
HETATM 431 N N   . DLY D 1 9  ? 8.274   -3.962  -1.363  1.00 35.71 ? 9   DLY D N   1 
HETATM 432 C CA  . DLY D 1 9  ? 9.638   -3.964  -0.849  1.00 33.28 ? 9   DLY D CA  1 
HETATM 433 C C   . DLY D 1 9  ? 9.864   -5.234  -0.038  1.00 38.51 ? 9   DLY D C   1 
HETATM 434 O O   . DLY D 1 9  ? 10.486  -5.192  1.022   1.00 39.15 ? 9   DLY D O   1 
HETATM 435 C CB  . DLY D 1 9  ? 10.662  -3.939  -1.971  1.00 39.07 ? 9   DLY D CB  1 
HETATM 436 C CG  . DLY D 1 9  ? 12.079  -3.948  -1.445  1.00 42.14 ? 9   DLY D CG  1 
HETATM 437 C CD  . DLY D 1 9  ? 13.078  -4.366  -2.501  1.00 49.92 ? 9   DLY D CD  1 
HETATM 438 C CE  . DLY D 1 9  ? 13.459  -3.220  -3.407  1.00 56.20 ? 9   DLY D CE  1 
HETATM 439 N NZ  . DLY D 1 9  ? 14.069  -3.735  -4.661  1.00 62.61 ? 9   DLY D NZ  1 
HETATM 440 N N   . DLY D 1 10 ? 9.368   -6.359  -0.539  1.00 37.90 ? 10  DLY D N   1 
HETATM 441 C CA  . DLY D 1 10 ? 9.630   -7.635  0.135   1.00 37.56 ? 10  DLY D CA  1 
HETATM 442 C C   . DLY D 1 10 ? 8.896   -7.654  1.469   1.00 39.90 ? 10  DLY D C   1 
HETATM 443 O O   . DLY D 1 10 ? 9.474   -8.001  2.502   1.00 44.68 ? 10  DLY D O   1 
HETATM 444 C CB  . DLY D 1 10 ? 9.234   -8.831  -0.740  1.00 40.68 ? 10  DLY D CB  1 
HETATM 445 C CG  . DLY D 1 10 ? 9.989   -8.925  -2.064  1.00 43.97 ? 10  DLY D CG  1 
HETATM 446 C CD  . DLY D 1 10 ? 10.646  -10.287 -2.275  1.00 51.69 ? 10  DLY D CD  1 
HETATM 447 C CE  . DLY D 1 10 ? 10.946  -10.575 -3.753  1.00 55.83 ? 10  DLY D CE  1 
HETATM 448 N NZ  . DLY D 1 10 ? 9.772   -11.184 -4.465  1.00 58.31 ? 10  DLY D NZ  1 
HETATM 449 N N   . DLE D 1 11 ? 7.632   -7.239  1.445   1.00 38.16 ? 11  DLE D N   1 
HETATM 450 C CA  . DLE D 1 11 ? 6.806   -7.157  2.640   1.00 40.89 ? 11  DLE D CA  1 
HETATM 451 C CB  . DLE D 1 11 ? 5.453   -6.561  2.256   1.00 40.14 ? 11  DLE D CB  1 
HETATM 452 C CG  . DLE D 1 11 ? 4.195   -6.708  3.102   1.00 45.65 ? 11  DLE D CG  1 
HETATM 453 C CD1 . DLE D 1 11 ? 3.029   -6.130  2.314   1.00 44.75 ? 11  DLE D CD1 1 
HETATM 454 C CD2 . DLE D 1 11 ? 3.938   -8.172  3.411   1.00 45.74 ? 11  DLE D CD2 1 
HETATM 455 C C   . DLE D 1 11 ? 7.496   -6.299  3.705   1.00 41.03 ? 11  DLE D C   1 
HETATM 456 O O   . DLE D 1 11 ? 7.573   -6.676  4.874   1.00 42.20 ? 11  DLE D O   1 
HETATM 457 N N   . DCY D 1 12 ? 8.001   -5.144  3.301   1.00 41.31 ? 12  DCY D N   1 
HETATM 458 C CA  . DCY D 1 12 ? 8.711   -4.273  4.226   1.00 39.69 ? 12  DCY D CA  1 
HETATM 459 C C   . DCY D 1 12 ? 10.015  -4.878  4.698   1.00 41.79 ? 12  DCY D C   1 
HETATM 460 O O   . DCY D 1 12 ? 10.363  -4.805  5.874   1.00 44.51 ? 12  DCY D O   1 
HETATM 461 C CB  . DCY D 1 12 ? 8.990   -2.923  3.572   1.00 39.54 ? 12  DCY D CB  1 
HETATM 462 S SG  . DCY D 1 12 ? 7.545   -1.890  3.537   1.00 36.09 ? 12  DCY D SG  1 
HETATM 463 N N   . DLY D 1 13 ? 10.740  -5.473  3.764   1.00 42.78 ? 13  DLY D N   1 
HETATM 464 C CA  . DLY D 1 13 ? 12.039  -6.038  4.061   1.00 44.43 ? 13  DLY D CA  1 
HETATM 465 C C   . DLY D 1 13 ? 11.854  -7.185  5.051   1.00 47.16 ? 13  DLY D C   1 
HETATM 466 O O   . DLY D 1 13 ? 12.637  -7.338  5.995   1.00 50.06 ? 13  DLY D O   1 
HETATM 467 C CB  . DLY D 1 13 ? 12.663  -6.525  2.759   1.00 43.40 ? 13  DLY D CB  1 
HETATM 468 C CG  . DLY D 1 13 ? 14.053  -5.993  2.480   1.00 47.45 ? 13  DLY D CG  1 
HETATM 469 C CD  . DLY D 1 13 ? 14.405  -6.188  1.000   1.00 48.70 ? 13  DLY D CD  1 
HETATM 470 C CE  . DLY D 1 13 ? 15.871  -5.903  0.717   1.00 53.15 ? 13  DLY D CE  1 
HETATM 471 N NZ  . DLY D 1 13 ? 16.179  -4.445  0.796   1.00 54.89 ? 13  DLY D NZ  1 
HETATM 472 N N   . DLE D 1 14 ? 10.787  -7.960  4.841   1.00 45.94 ? 14  DLE D N   1 
HETATM 473 C CA  . DLE D 1 14 ? 10.433  -9.110  5.692   1.00 46.73 ? 14  DLE D CA  1 
HETATM 474 C CB  . DLE D 1 14 ? 9.383   -9.980  4.996   1.00 47.97 ? 14  DLE D CB  1 
HETATM 475 C CG  . DLE D 1 14 ? 9.884   -11.238 4.280   1.00 50.59 ? 14  DLE D CG  1 
HETATM 476 C CD1 . DLE D 1 14 ? 8.811   -11.852 3.366   1.00 48.61 ? 14  DLE D CD1 1 
HETATM 477 C CD2 . DLE D 1 14 ? 11.229  -11.070 3.569   1.00 53.28 ? 14  DLE D CD2 1 
HETATM 478 C C   . DLE D 1 14 ? 9.952   -8.736  7.094   1.00 50.56 ? 14  DLE D C   1 
HETATM 479 O O   . DLE D 1 14 ? 10.214  -9.454  8.062   1.00 51.54 ? 14  DLE D O   1 
HETATM 480 N N   . DAL D 1 15 ? 9.246   -7.618  7.200   1.00 46.41 ? 15  DAL D N   1 
HETATM 481 C CA  . DAL D 1 15 ? 8.770   -7.133  8.487   1.00 48.33 ? 15  DAL D CA  1 
HETATM 482 C CB  . DAL D 1 15 ? 7.739   -6.035  8.285   1.00 48.84 ? 15  DAL D CB  1 
HETATM 483 C C   . DAL D 1 15 ? 9.949   -6.609  9.302   1.00 51.25 ? 15  DAL D C   1 
HETATM 484 O O   . DAL D 1 15 ? 9.865   -6.476  10.521  1.00 54.86 ? 15  DAL D O   1 
ATOM   485 N N   . GLY D 1 16 ? 11.047  -6.304  8.619   1.00 51.82 ? 16  GLY D N   1 
ATOM   486 C CA  . GLY D 1 16 ? 12.246  -5.823  9.279   1.00 54.33 ? 16  GLY D CA  1 
ATOM   487 C C   . GLY D 1 16 ? 13.495  -6.567  8.841   1.00 56.69 ? 16  GLY D C   1 
ATOM   488 O O   . GLY D 1 16 ? 13.943  -7.495  9.511   1.00 60.24 ? 16  GLY D O   1 
HETATM 489 N N   . DLE E 1 1  ? -6.100  6.972   8.654   1.00 52.93 ? 1   DLE E N   1 
HETATM 490 C CA  . DLE E 1 1  ? -7.132  6.157   8.031   1.00 50.16 ? 1   DLE E CA  1 
HETATM 491 C CB  . DLE E 1 1  ? -8.516  6.782   8.232   1.00 58.20 ? 1   DLE E CB  1 
HETATM 492 C CG  . DLE E 1 1  ? -9.570  6.612   7.124   1.00 59.71 ? 1   DLE E CG  1 
HETATM 493 C CD1 . DLE E 1 1  ? -9.845  7.936   6.421   1.00 59.49 ? 1   DLE E CD1 1 
HETATM 494 C CD2 . DLE E 1 1  ? -9.183  5.547   6.105   1.00 53.68 ? 1   DLE E CD2 1 
HETATM 495 C C   . DLE E 1 1  ? -7.090  4.756   8.625   1.00 51.85 ? 1   DLE E C   1 
HETATM 496 O O   . DLE E 1 1  ? -6.548  3.831   8.023   1.00 51.52 ? 1   DLE E O   1 
HETATM 497 N N   . DLY E 1 2  ? -7.664  4.590   9.810   1.00 51.20 ? 2   DLY E N   1 
HETATM 498 C CA  . DLY E 1 2  ? -7.646  3.284   10.456  1.00 49.43 ? 2   DLY E CA  1 
HETATM 499 C C   . DLY E 1 2  ? -6.227  2.992   10.907  1.00 51.38 ? 2   DLY E C   1 
HETATM 500 O O   . DLY E 1 2  ? -5.830  1.832   11.064  1.00 50.77 ? 2   DLY E O   1 
HETATM 501 C CB  . DLY E 1 2  ? -8.605  3.264   11.646  1.00 51.00 ? 2   DLY E CB  1 
HETATM 502 C CG  . DLY E 1 2  ? -10.065 3.265   11.222  1.00 53.35 ? 2   DLY E CG  1 
HETATM 503 C CD  . DLY E 1 2  ? -10.838 4.403   11.867  1.00 54.73 ? 2   DLY E CD  1 
HETATM 504 C CE  . DLY E 1 2  ? -12.322 4.193   11.674  1.00 50.22 ? 2   DLY E CE  1 
HETATM 505 N NZ  . DLY E 1 2  ? -12.602 2.759   11.364  1.00 46.84 ? 2   DLY E NZ  1 
HETATM 506 N N   . DLY E 1 3  ? -5.479  4.077   11.108  1.00 48.84 ? 3   DLY E N   1 
HETATM 507 C CA  . DLY E 1 3  ? -4.073  4.029   11.468  1.00 50.62 ? 3   DLY E CA  1 
HETATM 508 C C   . DLY E 1 3  ? -3.294  3.365   10.341  1.00 50.65 ? 3   DLY E C   1 
HETATM 509 O O   . DLY E 1 3  ? -2.429  2.522   10.577  1.00 47.61 ? 3   DLY E O   1 
HETATM 510 C CB  . DLY E 1 3  ? -3.552  5.459   11.657  1.00 52.84 ? 3   DLY E CB  1 
HETATM 511 C CG  . DLY E 1 3  ? -3.592  5.965   13.097  1.00 58.47 ? 3   DLY E CG  1 
HETATM 512 C CD  . DLY E 1 3  ? -2.658  5.199   14.020  1.00 58.27 ? 3   DLY E CD  1 
HETATM 513 C CE  . DLY E 1 3  ? -2.370  5.998   15.288  1.00 58.59 ? 3   DLY E CE  1 
HETATM 514 N NZ  . DLY E 1 3  ? -1.791  7.347   15.024  1.00 62.40 ? 3   DLY E NZ  1 
HETATM 515 N N   . DLE E 1 4  ? -3.625  3.742   9.107   1.00 50.15 ? 4   DLE E N   1 
HETATM 516 C CA  . DLE E 1 4  ? -2.946  3.199   7.935   1.00 47.72 ? 4   DLE E CA  1 
HETATM 517 C CB  . DLE E 1 4  ? -3.394  3.965   6.674   1.00 48.31 ? 4   DLE E CB  1 
HETATM 518 C CG  . DLE E 1 4  ? -2.687  3.879   5.302   1.00 47.90 ? 4   DLE E CG  1 
HETATM 519 C CD1 . DLE E 1 4  ? -1.605  2.804   5.205   1.00 44.70 ? 4   DLE E CD1 1 
HETATM 520 C CD2 . DLE E 1 4  ? -3.653  3.830   4.103   1.00 45.55 ? 4   DLE E CD2 1 
HETATM 521 C C   . DLE E 1 4  ? -3.257  1.699   7.860   1.00 49.65 ? 4   DLE E C   1 
HETATM 522 O O   . DLE E 1 4  ? -2.368  0.881   7.627   1.00 47.03 ? 4   DLE E O   1 
HETATM 523 N N   . DCY E 1 5  ? -4.516  1.331   8.084   1.00 47.22 ? 5   DCY E N   1 
HETATM 524 C CA  . DCY E 1 5  ? -4.888  -0.082  8.035   1.00 48.78 ? 5   DCY E CA  1 
HETATM 525 C C   . DCY E 1 5  ? -4.225  -0.881  9.157   1.00 48.68 ? 5   DCY E C   1 
HETATM 526 O O   . DCY E 1 5  ? -3.848  -2.034  8.963   1.00 48.49 ? 5   DCY E O   1 
HETATM 527 C CB  . DCY E 1 5  ? -6.407  -0.262  8.067   1.00 52.36 ? 5   DCY E CB  1 
HETATM 528 S SG  . DCY E 1 5  ? -7.210  0.056   6.473   1.00 49.56 ? 5   DCY E SG  1 
HETATM 529 N N   . DLY E 1 6  ? -4.086  -0.263  10.325  1.00 50.54 ? 6   DLY E N   1 
HETATM 530 C CA  . DLY E 1 6  ? -3.406  -0.885  11.459  1.00 50.47 ? 6   DLY E CA  1 
HETATM 531 C C   . DLY E 1 6  ? -1.972  -1.209  11.061  1.00 50.33 ? 6   DLY E C   1 
HETATM 532 O O   . DLY E 1 6  ? -1.478  -2.318  11.272  1.00 47.98 ? 6   DLY E O   1 
HETATM 533 C CB  . DLY E 1 6  ? -3.378  0.093   12.634  1.00 52.68 ? 6   DLY E CB  1 
HETATM 534 C CG  . DLY E 1 6  ? -4.034  -0.394  13.917  1.00 57.97 ? 6   DLY E CG  1 
HETATM 535 C CD  . DLY E 1 6  ? -4.357  0.796   14.829  1.00 57.98 ? 6   DLY E CD  1 
HETATM 536 C CE  . DLY E 1 6  ? -5.419  0.460   15.874  1.00 63.09 ? 6   DLY E CE  1 
HETATM 537 N NZ  . DLY E 1 6  ? -5.708  1.642   16.742  1.00 62.26 ? 6   DLY E NZ  1 
HETATM 538 N N   . DLE E 1 7  ? -1.320  -0.223  10.451  1.00 48.80 ? 7   DLE E N   1 
HETATM 539 C CA  . DLE E 1 7  ? 0.061   -0.345  10.009  1.00 47.68 ? 7   DLE E CA  1 
HETATM 540 C CB  . DLE E 1 7  ? 0.535   1.000   9.454   1.00 47.96 ? 7   DLE E CB  1 
HETATM 541 C CG  . DLE E 1 7  ? 1.328   1.916   10.387  1.00 48.67 ? 7   DLE E CG  1 
HETATM 542 C CD1 . DLE E 1 7  ? 0.962   3.376   10.147  1.00 50.76 ? 7   DLE E CD1 1 
HETATM 543 C CD2 . DLE E 1 7  ? 1.092   1.563   11.836  1.00 50.46 ? 7   DLE E CD2 1 
HETATM 544 C C   . DLE E 1 7  ? 0.212   -1.441  8.953   1.00 45.82 ? 7   DLE E C   1 
HETATM 545 O O   . DLE E 1 7  ? 1.145   -2.237  9.006   1.00 46.76 ? 7   DLE E O   1 
HETATM 546 N N   . DLE E 1 8  ? -0.707  -1.476  7.993   1.00 46.32 ? 8   DLE E N   1 
HETATM 547 C CA  . DLE E 1 8  ? -0.707  -2.522  6.981   1.00 46.23 ? 8   DLE E CA  1 
HETATM 548 C CB  . DLE E 1 8  ? -1.836  -2.313  5.975   1.00 44.21 ? 8   DLE E CB  1 
HETATM 549 C CG  . DLE E 1 8  ? -1.575  -1.622  4.637   1.00 47.03 ? 8   DLE E CG  1 
HETATM 550 C CD1 . DLE E 1 8  ? -2.666  -0.614  4.323   1.00 43.25 ? 8   DLE E CD1 1 
HETATM 551 C CD2 . DLE E 1 8  ? -0.188  -1.005  4.548   1.00 42.89 ? 8   DLE E CD2 1 
HETATM 552 C C   . DLE E 1 8  ? -0.860  -3.895  7.619   1.00 48.67 ? 8   DLE E C   1 
HETATM 553 O O   . DLE E 1 8  ? -0.250  -4.867  7.182   1.00 48.17 ? 8   DLE E O   1 
HETATM 554 N N   . DLY E 1 9  ? -1.684  -3.982  8.654   1.00 50.81 ? 9   DLY E N   1 
HETATM 555 C CA  . DLY E 1 9  ? -1.881  -5.271  9.294   1.00 51.64 ? 9   DLY E CA  1 
HETATM 556 C C   . DLY E 1 9  ? -0.590  -5.731  9.967   1.00 49.22 ? 9   DLY E C   1 
HETATM 557 O O   . DLY E 1 9  ? -0.172  -6.865  9.780   1.00 50.39 ? 9   DLY E O   1 
HETATM 558 C CB  . DLY E 1 9  ? -3.069  -5.250  10.259  1.00 52.09 ? 9   DLY E CB  1 
HETATM 559 C CG  . DLY E 1 9  ? -3.866  -6.556  10.248  1.00 56.39 ? 9   DLY E CG  1 
HETATM 560 C CD  . DLY E 1 9  ? -4.778  -6.684  11.457  1.00 60.95 ? 9   DLY E CD  1 
HETATM 561 C CE  . DLY E 1 9  ? -6.217  -6.932  11.026  1.00 65.28 ? 9   DLY E CE  1 
HETATM 562 N NZ  . DLY E 1 9  ? -7.088  -5.748  11.298  1.00 72.04 ? 9   DLY E NZ  1 
HETATM 563 N N   . DLY E 1 10 ? 0.063   -4.843  10.707  1.00 50.53 ? 10  DLY E N   1 
HETATM 564 C CA  . DLY E 1 10 ? 1.270   -5.229  11.426  1.00 48.88 ? 10  DLY E CA  1 
HETATM 565 C C   . DLY E 1 10 ? 2.385   -5.549  10.441  1.00 51.81 ? 10  DLY E C   1 
HETATM 566 O O   . DLY E 1 10 ? 3.241   -6.384  10.711  1.00 48.67 ? 10  DLY E O   1 
HETATM 567 C CB  . DLY E 1 10 ? 1.705   -4.148  12.417  1.00 51.71 ? 10  DLY E CB  1 
HETATM 568 C CG  . DLY E 1 10 ? 2.694   -4.645  13.474  1.00 55.84 ? 10  DLY E CG  1 
HETATM 569 C CD  . DLY E 1 10 ? 2.859   -3.631  14.612  1.00 62.54 ? 10  DLY E CD  1 
HETATM 570 C CE  . DLY E 1 10 ? 3.427   -4.276  15.878  1.00 65.73 ? 10  DLY E CE  1 
HETATM 571 N NZ  . DLY E 1 10 ? 3.478   -3.328  17.034  1.00 66.98 ? 10  DLY E NZ  1 
HETATM 572 N N   . DLE E 1 11 ? 2.364   -4.873  9.295   1.00 48.46 ? 11  DLE E N   1 
HETATM 573 C CA  . DLE E 1 11 ? 3.313   -5.134  8.219   1.00 48.10 ? 11  DLE E CA  1 
HETATM 574 C CB  . DLE E 1 11 ? 3.061   -4.139  7.086   1.00 45.67 ? 11  DLE E CB  1 
HETATM 575 C CG  . DLE E 1 11 ? 3.692   -4.260  5.703   1.00 49.17 ? 11  DLE E CG  1 
HETATM 576 C CD1 . DLE E 1 11 ? 3.339   -3.009  4.913   1.00 45.43 ? 11  DLE E CD1 1 
HETATM 577 C CD2 . DLE E 1 11 ? 5.207   -4.447  5.751   1.00 45.94 ? 11  DLE E CD2 1 
HETATM 578 C C   . DLE E 1 11 ? 3.156   -6.558  7.694   1.00 48.27 ? 11  DLE E C   1 
HETATM 579 O O   . DLE E 1 11 ? 4.137   -7.295  7.563   1.00 47.41 ? 11  DLE E O   1 
HETATM 580 N N   . DCY E 1 12 ? 1.918   -6.932  7.390   1.00 47.49 ? 12  DCY E N   1 
HETATM 581 C CA  . DCY E 1 12 ? 1.609   -8.258  6.866   1.00 48.09 ? 12  DCY E CA  1 
HETATM 582 C C   . DCY E 1 12 ? 1.829   -9.370  7.884   1.00 50.10 ? 12  DCY E C   1 
HETATM 583 O O   . DCY E 1 12 ? 2.348   -10.432 7.550   1.00 49.67 ? 12  DCY E O   1 
HETATM 584 C CB  . DCY E 1 12 ? 0.187   -8.303  6.314   1.00 48.33 ? 12  DCY E CB  1 
HETATM 585 S SG  . DCY E 1 12 ? 0.004   -7.465  4.708   1.00 45.81 ? 12  DCY E SG  1 
HETATM 586 N N   . DLY E 1 13 ? 1.435   -9.125  9.124   1.00 50.65 ? 13  DLY E N   1 
HETATM 587 C CA  . DLY E 1 13 ? 1.630   -10.122 10.168  1.00 52.25 ? 13  DLY E CA  1 
HETATM 588 C C   . DLY E 1 13 ? 3.113   -10.361 10.388  1.00 52.77 ? 13  DLY E C   1 
HETATM 589 O O   . DLY E 1 13 ? 3.578   -11.501 10.361  1.00 53.98 ? 13  DLY E O   1 
HETATM 590 C CB  . DLY E 1 13 ? 0.983   -9.675  11.480  1.00 53.17 ? 13  DLY E CB  1 
HETATM 591 C CG  . DLY E 1 13 ? -0.519  -9.466  11.405  1.00 55.61 ? 13  DLY E CG  1 
HETATM 592 C CD  . DLY E 1 13 ? -1.242  -10.421 12.319  1.00 58.71 ? 13  DLY E CD  1 
HETATM 593 C CE  . DLY E 1 13 ? -2.495  -9.782  12.870  1.00 61.43 ? 13  DLY E CE  1 
HETATM 594 N NZ  . DLY E 1 13 ? -2.403  -9.597  14.351  1.00 64.68 ? 13  DLY E NZ  1 
HETATM 595 N N   . DLE E 1 14 ? 3.858   -9.277  10.582  1.00 53.15 ? 14  DLE E N   1 
HETATM 596 C CA  . DLE E 1 14 ? 5.291   -9.357  10.844  1.00 51.29 ? 14  DLE E CA  1 
HETATM 597 C CB  . DLE E 1 14 ? 5.843   -7.973  11.174  1.00 54.49 ? 14  DLE E CB  1 
HETATM 598 C CG  . DLE E 1 14 ? 5.918   -7.607  12.659  1.00 57.48 ? 14  DLE E CG  1 
HETATM 599 C CD1 . DLE E 1 14 ? 6.258   -6.129  12.832  1.00 57.23 ? 14  DLE E CD1 1 
HETATM 600 C CD2 . DLE E 1 14 ? 4.614   -7.942  13.386  1.00 58.05 ? 14  DLE E CD2 1 
HETATM 601 C C   . DLE E 1 14 ? 6.071   -9.983  9.686   1.00 55.33 ? 14  DLE E C   1 
HETATM 602 O O   . DLE E 1 14 ? 7.122   -10.592 9.895   1.00 51.76 ? 14  DLE E O   1 
HETATM 603 N N   . DAL E 1 15 ? 5.552   -9.845  8.469   1.00 52.01 ? 15  DAL E N   1 
HETATM 604 C CA  . DAL E 1 15 ? 6.202   -10.434 7.302   1.00 52.17 ? 15  DAL E CA  1 
HETATM 605 C CB  . DAL E 1 15 ? 5.675   -9.804  6.025   1.00 51.30 ? 15  DAL E CB  1 
HETATM 606 C C   . DAL E 1 15 ? 6.017   -11.949 7.261   1.00 54.58 ? 15  DAL E C   1 
HETATM 607 O O   . DAL E 1 15 ? 6.965   -12.695 7.009   1.00 57.90 ? 15  DAL E O   1 
HETATM 608 N N   . DLE F 1 1  ? 2.567   -12.062 -2.246  1.00 49.54 ? 1   DLE F N   1 
HETATM 609 C CA  . DLE F 1 1  ? 2.616   -11.458 -0.922  1.00 45.39 ? 1   DLE F CA  1 
HETATM 610 C CB  . DLE F 1 1  ? 3.868   -11.904 -0.169  1.00 46.93 ? 1   DLE F CB  1 
HETATM 611 C C   . DLE F 1 1  ? 1.370   -11.791 -0.112  1.00 47.94 ? 1   DLE F C   1 
HETATM 612 O O   . DLE F 1 1  ? 0.724   -10.898 0.446   1.00 47.83 ? 1   DLE F O   1 
HETATM 613 N N   . DLY F 1 2  ? 1.042   -13.081 -0.048  1.00 52.86 ? 2   DLY F N   1 
HETATM 614 C CA  . DLY F 1 2  ? -0.135  -13.557 0.672   1.00 51.68 ? 2   DLY F CA  1 
HETATM 615 C C   . DLY F 1 2  ? -1.374  -12.905 0.085   1.00 49.72 ? 2   DLY F C   1 
HETATM 616 O O   . DLY F 1 2  ? -2.183  -12.319 0.803   1.00 48.03 ? 2   DLY F O   1 
HETATM 617 C CB  . DLY F 1 2  ? -0.275  -15.066 0.505   1.00 56.97 ? 2   DLY F CB  1 
HETATM 618 C CG  . DLY F 1 2  ? 0.758   -15.898 1.246   1.00 62.62 ? 2   DLY F CG  1 
HETATM 619 C CD  . DLY F 1 2  ? 0.647   -17.362 0.821   1.00 71.23 ? 2   DLY F CD  1 
HETATM 620 C CE  . DLY F 1 2  ? 1.403   -18.296 1.755   1.00 77.29 ? 2   DLY F CE  1 
HETATM 621 N NZ  . DLY F 1 2  ? 0.866   -19.687 1.671   1.00 75.38 ? 2   DLY F NZ  1 
HETATM 622 N N   . DLY F 1 3  ? -1.505  -13.016 -1.233  1.00 50.77 ? 3   DLY F N   1 
HETATM 623 C CA  . DLY F 1 3  ? -2.605  -12.398 -1.958  1.00 50.76 ? 3   DLY F CA  1 
HETATM 624 C C   . DLY F 1 3  ? -2.660  -10.883 -1.759  1.00 49.81 ? 3   DLY F C   1 
HETATM 625 O O   . DLY F 1 3  ? -3.734  -10.328 -1.525  1.00 49.22 ? 3   DLY F O   1 
HETATM 626 C CB  . DLY F 1 3  ? -2.525  -12.739 -3.443  1.00 54.88 ? 3   DLY F CB  1 
HETATM 627 C CG  . DLY F 1 3  ? -2.669  -14.224 -3.725  1.00 61.63 ? 3   DLY F CG  1 
HETATM 628 C CD  . DLY F 1 3  ? -2.743  -14.512 -5.219  1.00 67.67 ? 3   DLY F CD  1 
HETATM 629 C CE  . DLY F 1 3  ? -3.058  -15.983 -5.483  1.00 70.23 ? 3   DLY F CE  1 
HETATM 630 N NZ  . DLY F 1 3  ? -3.205  -16.265 -6.937  1.00 72.12 ? 3   DLY F NZ  1 
HETATM 631 N N   . DLE F 1 4  ? -1.515  -10.211 -1.865  1.00 48.47 ? 4   DLE F N   1 
HETATM 632 C CA  . DLE F 1 4  ? -1.486  -8.773  -1.603  1.00 46.94 ? 4   DLE F CA  1 
HETATM 633 C CB  . DLE F 1 4  ? -0.066  -8.215  -1.687  1.00 44.71 ? 4   DLE F CB  1 
HETATM 634 C CG  . DLE F 1 4  ? 0.038   -6.696  -1.495  1.00 42.80 ? 4   DLE F CG  1 
HETATM 635 C CD1 . DLE F 1 4  ? 1.457   -6.225  -1.735  1.00 41.09 ? 4   DLE F CD1 1 
HETATM 636 C CD2 . DLE F 1 4  ? -0.940  -5.919  -2.370  1.00 42.40 ? 4   DLE F CD2 1 
HETATM 637 C C   . DLE F 1 4  ? -2.061  -8.477  -0.229  1.00 45.43 ? 4   DLE F C   1 
HETATM 638 O O   . DLE F 1 4  ? -2.944  -7.639  -0.077  1.00 46.16 ? 4   DLE F O   1 
HETATM 639 N N   . DCY F 1 5  ? -1.554  -9.185  0.769   1.00 46.48 ? 5   DCY F N   1 
HETATM 640 C CA  . DCY F 1 5  ? -1.997  -8.967  2.132   1.00 47.88 ? 5   DCY F CA  1 
HETATM 641 C C   . DCY F 1 5  ? -3.457  -9.333  2.319   1.00 50.20 ? 5   DCY F C   1 
HETATM 642 O O   . DCY F 1 5  ? -4.157  -8.696  3.100   1.00 50.59 ? 5   DCY F O   1 
HETATM 643 C CB  . DCY F 1 5  ? -1.126  -9.744  3.101   1.00 44.99 ? 5   DCY F CB  1 
HETATM 644 S SG  . DCY F 1 5  ? 0.437   -8.928  3.371   1.00 47.02 ? 5   DCY F SG  1 
HETATM 645 N N   . DLY F 1 6  ? -3.916  -10.350 1.600   1.00 49.07 ? 6   DLY F N   1 
HETATM 646 C CA  . DLY F 1 6  ? -5.312  -10.742 1.666   1.00 49.94 ? 6   DLY F CA  1 
HETATM 647 C C   . DLY F 1 6  ? -6.152  -9.626  1.069   1.00 51.17 ? 6   DLY F C   1 
HETATM 648 O O   . DLY F 1 6  ? -7.191  -9.269  1.623   1.00 51.52 ? 6   DLY F O   1 
HETATM 649 C CB  . DLY F 1 6  ? -5.544  -12.043 0.893   1.00 51.17 ? 6   DLY F CB  1 
HETATM 650 C CG  . DLY F 1 6  ? -6.109  -13.188 1.735   1.00 56.02 ? 6   DLY F CG  1 
HETATM 651 C CD  . DLY F 1 6  ? -6.887  -14.214 0.881   1.00 51.64 ? 6   DLY F CD  1 
HETATM 652 C CE  . DLY F 1 6  ? -6.227  -14.447 -0.474  1.00 55.92 ? 6   DLY F CE  1 
HETATM 653 N NZ  . DLY F 1 6  ? -5.224  -15.537 -0.457  1.00 53.47 ? 6   DLY F NZ  1 
HETATM 654 N N   . DLE F 1 7  ? -5.673  -9.050  -0.034  1.00 48.92 ? 7   DLE F N   1 
HETATM 655 C CA  . DLE F 1 7  ? -6.382  -7.958  -0.711  1.00 47.41 ? 7   DLE F CA  1 
HETATM 656 C CB  . DLE F 1 7  ? -5.734  -7.626  -2.065  1.00 47.94 ? 7   DLE F CB  1 
HETATM 657 C CG  . DLE F 1 7  ? -6.349  -8.173  -3.356  1.00 48.55 ? 7   DLE F CG  1 
HETATM 658 C CD1 . DLE F 1 7  ? -5.254  -8.533  -4.369  1.00 49.03 ? 7   DLE F CD1 1 
HETATM 659 C CD2 . DLE F 1 7  ? -7.240  -9.373  -3.084  1.00 52.08 ? 7   DLE F CD2 1 
HETATM 660 C C   . DLE F 1 7  ? -6.427  -6.693  0.142   1.00 48.86 ? 7   DLE F C   1 
HETATM 661 O O   . DLE F 1 7  ? -7.420  -5.960  0.148   1.00 48.51 ? 7   DLE F O   1 
HETATM 662 N N   . DLE F 1 8  ? -5.328  -6.425  0.835   1.00 48.64 ? 8   DLE F N   1 
HETATM 663 C CA  . DLE F 1 8  ? -5.255  -5.279  1.726   1.00 42.76 ? 8   DLE F CA  1 
HETATM 664 C CB  . DLE F 1 8  ? -3.858  -5.171  2.321   1.00 46.98 ? 8   DLE F CB  1 
HETATM 665 C CG  . DLE F 1 8  ? -2.827  -4.289  1.622   1.00 45.27 ? 8   DLE F CG  1 
HETATM 666 C CD1 . DLE F 1 8  ? -1.474  -4.968  1.586   1.00 43.56 ? 8   DLE F CD1 1 
HETATM 667 C CD2 . DLE F 1 8  ? -3.281  -3.941  0.238   1.00 46.53 ? 8   DLE F CD2 1 
HETATM 668 C C   . DLE F 1 8  ? -6.250  -5.455  2.859   1.00 50.18 ? 8   DLE F C   1 
HETATM 669 O O   . DLE F 1 8  ? -6.860  -4.497  3.317   1.00 49.77 ? 8   DLE F O   1 
HETATM 670 N N   . DLY F 1 9  ? -6.394  -6.694  3.313   1.00 49.85 ? 9   DLY F N   1 
HETATM 671 C CA  . DLY F 1 9  ? -7.334  -7.005  4.389   1.00 53.31 ? 9   DLY F CA  1 
HETATM 672 C C   . DLY F 1 9  ? -8.769  -6.691  3.967   1.00 52.02 ? 9   DLY F C   1 
HETATM 673 O O   . DLY F 1 9  ? -9.541  -6.129  4.744   1.00 54.24 ? 9   DLY F O   1 
HETATM 674 C CB  . DLY F 1 9  ? -7.195  -8.468  4.817   1.00 53.09 ? 9   DLY F CB  1 
HETATM 675 C CG  . DLY F 1 9  ? -5.982  -8.739  5.694   1.00 58.56 ? 9   DLY F CG  1 
HETATM 676 C CD  . DLY F 1 9  ? -5.706  -10.237 5.874   1.00 59.83 ? 9   DLY F CD  1 
HETATM 677 C CE  . DLY F 1 9  ? -4.384  -10.462 6.595   1.00 61.13 ? 9   DLY F CE  1 
HETATM 678 N NZ  . DLY F 1 9  ? -3.875  -11.837 6.392   1.00 63.59 ? 9   DLY F NZ  1 
HETATM 679 N N   . DLY F 1 10 ? -9.117  -7.045  2.731   1.00 52.46 ? 10  DLY F N   1 
HETATM 680 C CA  . DLY F 1 10 ? -10.475 -6.862  2.231   1.00 54.62 ? 10  DLY F CA  1 
HETATM 681 C C   . DLY F 1 10 ? -10.766 -5.374  2.158   1.00 53.98 ? 10  DLY F C   1 
HETATM 682 O O   . DLY F 1 10 ? -11.773 -4.904  2.687   1.00 53.38 ? 10  DLY F O   1 
HETATM 683 C CB  . DLY F 1 10 ? -10.618 -7.473  0.838   1.00 54.63 ? 10  DLY F CB  1 
HETATM 684 C CG  . DLY F 1 10 ? -10.995 -8.949  0.816   1.00 60.22 ? 10  DLY F CG  1 
HETATM 685 C CD  . DLY F 1 10 ? -10.625 -9.587  -0.523  1.00 63.35 ? 10  DLY F CD  1 
HETATM 686 C CE  . DLY F 1 10 ? -10.529 -11.104 -0.424  1.00 66.58 ? 10  DLY F CE  1 
HETATM 687 N NZ  . DLY F 1 10 ? -10.731 -11.770 -1.743  1.00 70.63 ? 10  DLY F NZ  1 
HETATM 688 N N   . DLE F 1 11 ? -9.872  -4.644  1.492   1.00 53.26 ? 11  DLE F N   1 
HETATM 689 C CA  . DLE F 1 11 ? -9.957  -3.189  1.374   1.00 49.31 ? 11  DLE F CA  1 
HETATM 690 C CB  . DLE F 1 11 ? -8.624  -2.630  0.862   1.00 50.36 ? 11  DLE F CB  1 
HETATM 691 C CG  . DLE F 1 11 ? -8.556  -1.189  0.339   1.00 48.32 ? 11  DLE F CG  1 
HETATM 692 C CD1 . DLE F 1 11 ? -7.183  -0.891  -0.250  1.00 52.06 ? 11  DLE F CD1 1 
HETATM 693 C CD2 . DLE F 1 11 ? -9.628  -0.939  -0.696  1.00 48.27 ? 11  DLE F CD2 1 
HETATM 694 C C   . DLE F 1 11 ? -10.257 -2.534  2.711   1.00 52.26 ? 11  DLE F C   1 
HETATM 695 O O   . DLE F 1 11 ? -11.182 -1.726  2.834   1.00 51.16 ? 11  DLE F O   1 
HETATM 696 N N   . DCY F 1 12 ? -9.461  -2.891  3.710   1.00 52.67 ? 12  DCY F N   1 
HETATM 697 C CA  . DCY F 1 12 ? -9.599  -2.320  5.037   1.00 51.88 ? 12  DCY F CA  1 
HETATM 698 C C   . DCY F 1 12 ? -10.895 -2.740  5.723   1.00 53.31 ? 12  DCY F C   1 
HETATM 699 O O   . DCY F 1 12 ? -11.500 -1.941  6.436   1.00 54.94 ? 12  DCY F O   1 
HETATM 700 C CB  . DCY F 1 12 ? -8.380  -2.651  5.898   1.00 49.07 ? 12  DCY F CB  1 
HETATM 701 S SG  . DCY F 1 12 ? -6.917  -1.674  5.451   1.00 48.55 ? 12  DCY F SG  1 
HETATM 702 N N   . DLY F 1 13 ? -11.312 -3.984  5.505   1.00 54.75 ? 13  DLY F N   1 
HETATM 703 C CA  . DLY F 1 13 ? -12.552 -4.474  6.101   1.00 54.85 ? 13  DLY F CA  1 
HETATM 704 C C   . DLY F 1 13 ? -13.745 -3.833  5.414   1.00 55.49 ? 13  DLY F C   1 
HETATM 705 O O   . DLY F 1 13 ? -14.625 -3.269  6.072   1.00 57.17 ? 13  DLY F O   1 
HETATM 706 C CB  . DLY F 1 13 ? -12.645 -5.994  5.994   1.00 55.65 ? 13  DLY F CB  1 
HETATM 707 C CG  . DLY F 1 13 ? -11.806 -6.731  7.014   1.00 57.59 ? 13  DLY F CG  1 
HETATM 708 C CD  . DLY F 1 13 ? -11.591 -8.181  6.606   1.00 59.67 ? 13  DLY F CD  1 
HETATM 709 C CE  . DLY F 1 13 ? -10.242 -8.688  7.094   1.00 61.52 ? 13  DLY F CE  1 
HETATM 710 N NZ  . DLY F 1 13 ? -9.879  -9.992  6.471   1.00 65.63 ? 13  DLY F NZ  1 
HETATM 711 N N   . DLE F 1 14 ? -13.760 -3.917  4.087   1.00 54.32 ? 14  DLE F N   1 
HETATM 712 C CA  . DLE F 1 14 ? -14.837 -3.351  3.284   1.00 55.95 ? 14  DLE F CA  1 
HETATM 713 C CB  . DLE F 1 14 ? -14.571 -3.558  1.794   1.00 54.13 ? 14  DLE F CB  1 
HETATM 714 C CG  . DLE F 1 14 ? -15.217 -4.778  1.138   1.00 55.64 ? 14  DLE F CG  1 
HETATM 715 C CD1 . DLE F 1 14 ? -14.436 -6.041  1.439   1.00 54.20 ? 14  DLE F CD1 1 
HETATM 716 C CD2 . DLE F 1 14 ? -16.665 -4.933  1.595   1.00 56.69 ? 14  DLE F CD2 1 
HETATM 717 C C   . DLE F 1 14 ? -15.002 -1.868  3.585   1.00 57.07 ? 14  DLE F C   1 
HETATM 718 O O   . DLE F 1 14 ? -16.119 -1.347  3.594   1.00 57.88 ? 14  DLE F O   1 
HETATM 719 N N   . DAL F 1 15 ? -13.887 -1.190  3.840   1.00 56.43 ? 15  DAL F N   1 
HETATM 720 C CA  . DAL F 1 15 ? -13.928 0.220   4.203   1.00 54.75 ? 15  DAL F CA  1 
HETATM 721 C CB  . DAL F 1 15 ? -12.540 0.830   4.118   1.00 55.57 ? 15  DAL F CB  1 
HETATM 722 C C   . DAL F 1 15 ? -14.489 0.357   5.613   1.00 56.13 ? 15  DAL F C   1 
HETATM 723 O O   . DAL F 1 15 ? -14.816 1.457   6.053   1.00 55.07 ? 15  DAL F O   1 
HETATM 724 O O   . HOH G 2 .  ? 9.607   11.004  -10.725 1.00 32.82 ? 101 HOH C O   1 
HETATM 725 O O   . HOH G 2 .  ? 15.094  3.177   3.675   1.00 44.67 ? 102 HOH C O   1 
HETATM 726 O O   . HOH G 2 .  ? 10.784  -0.535  1.048   1.00 50.28 ? 103 HOH C O   1 
HETATM 727 O O   . HOH G 2 .  ? 10.445  0.409   -3.353  1.00 41.73 ? 104 HOH C O   1 
HETATM 728 O O   . HOH H 2 .  ? -9.083  14.340  2.479   1.00 57.31 ? 101 HOH B O   1 
HETATM 729 O O   . HOH H 2 .  ? 3.414   12.837  -4.969  1.00 42.19 ? 102 HOH B O   1 
HETATM 730 O O   . HOH H 2 .  ? 3.827   16.411  -7.724  1.00 45.18 ? 103 HOH B O   1 
HETATM 731 O O   . HOH I 2 .  ? 14.023  -5.568  -6.835  1.00 61.16 ? 101 HOH D O   1 
HETATM 732 O O   . HOH I 2 .  ? 7.713   -10.535 -6.430  1.00 57.76 ? 102 HOH D O   1 
HETATM 733 O O   . HOH I 2 .  ? 7.249   2.108   -14.054 1.00 54.29 ? 103 HOH D O   1 
HETATM 734 O O   . HOH I 2 .  ? 7.073   1.764   -11.902 1.00 41.64 ? 104 HOH D O   1 
HETATM 735 O O   . HOH I 2 .  ? 9.604   2.731   -15.737 1.00 51.32 ? 105 HOH D O   1 
HETATM 736 O O   . HOH I 2 .  ? 9.900   -0.329  -1.163  1.00 38.46 ? 106 HOH D O   1 
HETATM 737 O O   . HOH J 2 .  ? -7.358  2.489   6.579   1.00 63.80 ? 101 HOH E O   1 
HETATM 738 O O   . HOH J 2 .  ? 4.419   -14.188 8.673   1.00 65.42 ? 102 HOH E O   1 
HETATM 739 O O   . HOH J 2 .  ? -11.856 3.223   8.003   1.00 60.85 ? 103 HOH E O   1 
HETATM 740 O O   . HOH J 2 .  ? -10.604 0.841   9.237   1.00 51.58 ? 104 HOH E O   1 
# 
